data_9QEP
#
_entry.id   9QEP
#
_cell.length_a   1.00
_cell.length_b   1.00
_cell.length_c   1.00
_cell.angle_alpha   90.00
_cell.angle_beta   90.00
_cell.angle_gamma   90.00
#
_symmetry.space_group_name_H-M   'P 1'
#
_entity_poly.entity_id   1
_entity_poly.type   'polypeptide(L)'
_entity_poly.pdbx_seq_one_letter_code
;MTSDKFLSGVVEGFYGKPWSFEQRKTLFSNMAKWGLNTYMYGPKDDEKHRAAWKQAYSKREGDSLRALIRAAEESGILFI
YAISPGVDITYSSNRDMKFLKDKLDQIRNFGCNSFAIFFDDIDTVMCLQDQEEFESFAAAQVEVTNEIYKYLGMPANFLF
CPTEYCAARADPNVKESKYLVTVGTGLHSDIHIMWTGPKVVSNKISVESILELQTVLRRKPVIWDNIHANDYEQGRLNLG
PYDCRPAELMESLNGIFTNPNCEFELNYVPIRTFSLWCQSKRTRFNYDVEKALEQSIREWTEEFCIPRLPDGYLLEADTS
DTNVNEYMDDEMQSDSRPISPANSMETDKDELTVKDIRLLVELFYLPQKHGKTANDLLAQAKWLKSNFRIAALSRKPNDT
SEGSNLDEHNTDYIAAKEWDKRFSKFRSICQIIHQFGDRLMTCRNRVLLYEVYNYVADLCGILYHLISRIHSLANPEKLE
KRSDSEQSSFRYGGFVGDIHRLIVSTDEYEESTLKNSDAYVIRPFMPSDEETLYDLCLKSCIENSNGDEIYKREPRIIGD
RDLGAYIYLHPEYIYVLEDDRDKICGYLCGALDSKQFYERYESEWLTQIRDRHPQPENDIASWTPEEIVANSFYNFTPPT
DVSVLYLSHLEARFDSSVPEKVIKRIIRFILEQLKAKGSYGASMLIDSWRTNLRRIFTSMGFVDLQEYSWMSEQKCMIAI
KLM
;
_entity_poly.pdbx_strand_id   A,B
#
# COMPACT_ATOMS: atom_id res chain seq x y z
N ASP A 4 28.02 14.83 24.06
CA ASP A 4 26.61 15.20 23.86
C ASP A 4 26.51 16.50 23.08
N LYS A 5 26.71 16.41 21.76
CA LYS A 5 26.64 17.60 20.91
C LYS A 5 25.21 17.86 20.45
N PHE A 6 24.66 16.94 19.65
CA PHE A 6 23.35 17.12 19.03
C PHE A 6 22.87 15.78 18.52
N LEU A 7 21.67 15.37 18.92
CA LEU A 7 21.13 14.07 18.51
C LEU A 7 20.16 14.26 17.35
N SER A 8 20.73 14.57 16.19
CA SER A 8 19.97 14.71 14.96
C SER A 8 20.00 13.38 14.20
N GLY A 9 18.86 12.74 14.10
CA GLY A 9 18.83 11.42 13.52
C GLY A 9 17.50 11.01 12.95
N VAL A 10 17.38 9.72 12.68
CA VAL A 10 16.22 9.11 12.05
C VAL A 10 15.77 7.96 12.94
N VAL A 11 14.49 7.92 13.27
CA VAL A 11 13.94 6.85 14.08
C VAL A 11 13.29 5.81 13.18
N GLU A 12 12.94 4.68 13.76
CA GLU A 12 12.09 3.67 13.14
C GLU A 12 10.77 3.55 13.88
N GLY A 13 10.18 4.67 14.26
CA GLY A 13 8.96 4.65 15.03
C GLY A 13 7.69 4.36 14.26
N PHE A 14 7.78 4.14 12.96
CA PHE A 14 6.62 3.81 12.15
C PHE A 14 6.19 2.37 12.41
N TYR A 15 5.01 2.03 11.92
CA TYR A 15 4.40 0.73 12.14
C TYR A 15 4.56 -0.13 10.88
N GLY A 16 4.55 -1.44 11.06
CA GLY A 16 4.36 -2.38 9.98
C GLY A 16 5.63 -2.92 9.34
N LYS A 17 6.53 -2.06 8.87
CA LYS A 17 7.64 -2.49 8.05
C LYS A 17 8.87 -2.71 8.91
N PRO A 18 9.48 -3.88 8.89
CA PRO A 18 10.85 -4.00 9.39
C PRO A 18 11.85 -3.72 8.28
N TRP A 19 12.67 -2.69 8.45
CA TRP A 19 13.75 -2.43 7.49
C TRP A 19 14.81 -3.52 7.60
N SER A 20 15.33 -3.92 6.44
CA SER A 20 16.26 -5.04 6.39
C SER A 20 17.64 -4.59 6.86
N PHE A 21 18.57 -5.55 6.93
CA PHE A 21 19.91 -5.25 7.43
C PHE A 21 20.71 -4.44 6.42
N GLU A 22 20.55 -4.74 5.13
CA GLU A 22 21.25 -3.95 4.11
C GLU A 22 20.61 -2.59 3.92
N GLN A 23 19.30 -2.48 4.16
CA GLN A 23 18.64 -1.18 4.12
C GLN A 23 19.10 -0.29 5.26
N ARG A 24 19.27 -0.85 6.45
CA ARG A 24 19.82 -0.08 7.56
C ARG A 24 21.29 0.20 7.36
N LYS A 25 22.03 -0.68 6.67
CA LYS A 25 23.43 -0.42 6.37
C LYS A 25 23.60 0.71 5.38
N THR A 26 22.78 0.75 4.33
CA THR A 26 22.80 1.87 3.40
C THR A 26 22.26 3.14 4.03
N LEU A 27 21.35 3.00 5.00
CA LEU A 27 20.90 4.14 5.80
C LEU A 27 22.04 4.70 6.65
N PHE A 28 22.88 3.82 7.21
CA PHE A 28 24.02 4.27 8.00
C PHE A 28 25.08 4.92 7.13
N SER A 29 25.29 4.40 5.92
CA SER A 29 26.26 5.01 5.02
C SER A 29 25.75 6.35 4.49
N ASN A 30 24.44 6.47 4.27
CA ASN A 30 23.84 7.75 3.94
C ASN A 30 23.93 8.73 5.11
N MET A 31 23.79 8.22 6.34
CA MET A 31 23.93 9.05 7.53
C MET A 31 25.35 9.56 7.67
N ALA A 32 26.33 8.72 7.33
CA ALA A 32 27.74 9.14 7.40
C ALA A 32 28.06 10.14 6.31
N LYS A 33 27.54 9.94 5.10
CA LYS A 33 27.89 10.84 4.01
C LYS A 33 27.06 12.12 3.99
N TRP A 34 25.95 12.18 4.74
CA TRP A 34 25.12 13.37 4.74
C TRP A 34 25.40 14.31 5.91
N GLY A 35 25.61 13.77 7.11
CA GLY A 35 25.99 14.62 8.23
C GLY A 35 25.30 14.31 9.54
N LEU A 36 24.07 13.82 9.47
CA LEU A 36 23.33 13.50 10.70
C LEU A 36 23.88 12.23 11.32
N ASN A 37 23.95 12.20 12.65
CA ASN A 37 24.81 11.26 13.35
C ASN A 37 24.08 10.46 14.42
N THR A 38 22.78 10.25 14.26
CA THR A 38 22.03 9.47 15.24
C THR A 38 21.07 8.53 14.52
N TYR A 39 20.65 7.49 15.24
CA TYR A 39 19.66 6.54 14.74
C TYR A 39 19.01 5.89 15.94
N MET A 40 17.74 6.18 16.18
CA MET A 40 17.00 5.53 17.25
C MET A 40 16.27 4.33 16.69
N TYR A 41 16.23 3.26 17.47
CA TYR A 41 15.74 1.95 17.07
C TYR A 41 14.48 1.67 17.86
N GLY A 42 13.33 2.06 17.30
CA GLY A 42 12.06 1.71 17.90
C GLY A 42 11.05 0.99 17.02
N PRO A 43 11.42 -0.11 16.34
CA PRO A 43 10.50 -0.66 15.34
C PRO A 43 9.35 -1.44 15.95
N LYS A 44 8.16 -1.20 15.42
CA LYS A 44 6.97 -1.87 15.92
C LYS A 44 6.89 -3.33 15.52
N ASP A 45 7.64 -3.73 14.49
CA ASP A 45 7.71 -5.14 14.13
C ASP A 45 8.50 -5.94 15.15
N ASP A 46 9.52 -5.33 15.75
CA ASP A 46 10.28 -5.98 16.81
C ASP A 46 9.58 -5.76 18.14
N GLU A 47 8.92 -6.80 18.63
CA GLU A 47 8.16 -6.73 19.87
C GLU A 47 8.97 -7.17 21.09
N LYS A 48 10.29 -7.26 20.95
CA LYS A 48 11.13 -7.62 22.09
C LYS A 48 11.22 -6.50 23.10
N HIS A 49 11.23 -5.24 22.64
CA HIS A 49 11.31 -4.12 23.56
C HIS A 49 9.94 -3.59 23.99
N ARG A 50 8.85 -4.07 23.40
CA ARG A 50 7.52 -3.54 23.69
C ARG A 50 6.78 -4.38 24.71
N ALA A 51 6.72 -5.70 24.50
CA ALA A 51 6.02 -6.59 25.41
C ALA A 51 6.82 -7.81 25.81
N ALA A 52 7.83 -8.20 25.03
CA ALA A 52 8.65 -9.38 25.34
C ALA A 52 9.92 -9.00 26.09
N TRP A 53 9.92 -7.87 26.78
CA TRP A 53 11.06 -7.46 27.59
C TRP A 53 11.15 -8.23 28.91
N LYS A 54 10.07 -8.91 29.30
CA LYS A 54 10.18 -9.94 30.34
C LYS A 54 11.08 -11.07 29.86
N GLN A 55 10.94 -11.46 28.60
CA GLN A 55 11.85 -12.42 28.00
C GLN A 55 13.16 -11.73 27.63
N ALA A 56 14.17 -12.55 27.31
CA ALA A 56 15.46 -12.05 26.91
C ALA A 56 15.62 -12.17 25.39
N TYR A 57 16.79 -11.80 24.90
CA TYR A 57 17.09 -11.93 23.48
C TYR A 57 17.68 -13.29 23.18
N SER A 58 17.35 -13.83 22.01
CA SER A 58 17.86 -15.13 21.60
C SER A 58 19.26 -14.99 21.01
N LYS A 59 19.81 -16.12 20.56
CA LYS A 59 21.17 -16.12 20.05
C LYS A 59 21.24 -15.52 18.65
N ARG A 60 20.32 -15.91 17.77
CA ARG A 60 20.37 -15.49 16.37
C ARG A 60 19.99 -14.02 16.21
N GLU A 61 18.88 -13.62 16.84
CA GLU A 61 18.47 -12.22 16.77
C GLU A 61 19.38 -11.33 17.61
N GLY A 62 20.00 -11.89 18.65
CA GLY A 62 21.01 -11.16 19.39
C GLY A 62 22.26 -10.92 18.57
N ASP A 63 22.67 -11.90 17.77
CA ASP A 63 23.80 -11.71 16.86
C ASP A 63 23.44 -10.75 15.71
N SER A 64 22.18 -10.76 15.27
CA SER A 64 21.73 -9.81 14.26
C SER A 64 21.73 -8.38 14.80
N LEU A 65 21.30 -8.19 16.04
CA LEU A 65 21.35 -6.88 16.67
C LEU A 65 22.79 -6.46 16.97
N ARG A 66 23.67 -7.41 17.30
CA ARG A 66 25.08 -7.10 17.50
C ARG A 66 25.75 -6.66 16.20
N ALA A 67 25.38 -7.32 15.09
CA ALA A 67 25.87 -6.92 13.78
C ALA A 67 25.34 -5.55 13.37
N LEU A 68 24.08 -5.27 13.72
CA LEU A 68 23.49 -3.95 13.44
C LEU A 68 24.16 -2.85 14.25
N ILE A 69 24.45 -3.14 15.53
CA ILE A 69 25.09 -2.16 16.42
C ILE A 69 26.53 -1.90 15.99
N ARG A 70 27.27 -2.94 15.63
CA ARG A 70 28.63 -2.75 15.17
C ARG A 70 28.69 -2.17 13.76
N ALA A 71 27.64 -2.34 12.95
CA ALA A 71 27.58 -1.68 11.65
C ALA A 71 27.33 -0.19 11.82
N ALA A 72 26.46 0.17 12.78
CA ALA A 72 26.26 1.57 13.13
C ALA A 72 27.51 2.18 13.74
N GLU A 73 28.28 1.40 14.50
CA GLU A 73 29.51 1.89 15.10
C GLU A 73 30.59 2.11 14.05
N GLU A 74 30.75 1.17 13.11
CA GLU A 74 31.76 1.31 12.09
C GLU A 74 31.38 2.31 11.00
N SER A 75 30.11 2.68 10.90
CA SER A 75 29.72 3.74 9.98
C SER A 75 30.01 5.13 10.53
N GLY A 76 30.23 5.27 11.83
CA GLY A 76 30.52 6.55 12.41
C GLY A 76 29.34 7.25 13.05
N ILE A 77 28.20 6.58 13.20
CA ILE A 77 27.05 7.14 13.88
C ILE A 77 26.87 6.42 15.21
N LEU A 78 25.90 6.87 15.99
CA LEU A 78 25.63 6.26 17.28
C LEU A 78 24.24 5.65 17.30
N PHE A 79 24.09 4.64 18.15
CA PHE A 79 22.90 3.80 18.20
C PHE A 79 22.19 4.03 19.52
N ILE A 80 20.88 4.28 19.46
CA ILE A 80 20.06 4.49 20.64
C ILE A 80 18.97 3.42 20.63
N TYR A 81 18.94 2.58 21.65
CA TYR A 81 17.97 1.50 21.74
C TYR A 81 16.77 1.98 22.54
N ALA A 82 15.62 2.06 21.89
CA ALA A 82 14.39 2.50 22.53
C ALA A 82 13.61 1.30 23.02
N ILE A 83 13.33 1.26 24.32
CA ILE A 83 12.60 0.16 24.95
C ILE A 83 11.39 0.75 25.66
N SER A 84 10.20 0.20 25.37
CA SER A 84 8.94 0.64 25.97
C SER A 84 8.39 -0.48 26.85
N PRO A 85 8.67 -0.46 28.15
CA PRO A 85 8.14 -1.52 29.03
C PRO A 85 6.69 -1.29 29.45
N GLY A 86 6.25 -0.04 29.49
CA GLY A 86 4.94 0.32 29.97
C GLY A 86 5.00 1.19 31.20
N VAL A 87 3.84 1.73 31.55
CA VAL A 87 3.74 2.74 32.62
C VAL A 87 3.27 2.09 33.92
N ASP A 88 3.44 0.78 34.02
CA ASP A 88 3.00 0.03 35.20
C ASP A 88 4.19 -0.51 36.00
N ILE A 89 5.32 0.18 35.98
CA ILE A 89 6.50 -0.27 36.71
C ILE A 89 6.40 0.18 38.15
N THR A 90 6.50 1.51 38.35
CA THR A 90 6.33 2.27 39.61
C THR A 90 7.27 1.84 40.76
N TYR A 91 8.34 1.09 40.44
CA TYR A 91 9.40 0.66 41.37
C TYR A 91 8.86 -0.11 42.57
N SER A 92 7.80 -0.89 42.35
CA SER A 92 7.06 -1.49 43.47
C SER A 92 7.55 -2.89 43.80
N SER A 93 7.45 -3.82 42.85
CA SER A 93 7.80 -5.21 43.12
C SER A 93 9.26 -5.52 42.84
N ASN A 94 9.88 -4.75 41.92
CA ASN A 94 11.28 -4.79 41.48
C ASN A 94 11.70 -6.07 40.77
N ARG A 95 10.77 -7.00 40.53
CA ARG A 95 11.05 -8.14 39.68
C ARG A 95 11.11 -7.71 38.22
N ASP A 96 10.16 -6.87 37.81
CA ASP A 96 10.18 -6.33 36.46
C ASP A 96 11.27 -5.27 36.31
N MET A 97 11.66 -4.62 37.41
CA MET A 97 12.82 -3.74 37.38
C MET A 97 14.10 -4.54 37.20
N LYS A 98 14.18 -5.73 37.79
CA LYS A 98 15.28 -6.65 37.53
C LYS A 98 15.27 -7.17 36.10
N PHE A 99 14.08 -7.36 35.53
CA PHE A 99 13.96 -7.71 34.11
C PHE A 99 14.45 -6.60 33.21
N LEU A 100 14.15 -5.35 33.58
CA LEU A 100 14.66 -4.19 32.86
C LEU A 100 16.17 -4.07 32.97
N LYS A 101 16.72 -4.36 34.15
CA LYS A 101 18.17 -4.28 34.34
C LYS A 101 18.90 -5.39 33.59
N ASP A 102 18.31 -6.58 33.54
CA ASP A 102 18.90 -7.67 32.76
C ASP A 102 18.79 -7.42 31.26
N LYS A 103 17.69 -6.80 30.82
CA LYS A 103 17.54 -6.44 29.41
C LYS A 103 18.53 -5.37 28.99
N LEU A 104 18.73 -4.35 29.82
CA LEU A 104 19.71 -3.32 29.49
C LEU A 104 21.14 -3.84 29.63
N ASP A 105 21.36 -4.84 30.50
CA ASP A 105 22.66 -5.51 30.57
C ASP A 105 22.95 -6.30 29.30
N GLN A 106 21.95 -7.01 28.75
CA GLN A 106 22.23 -7.77 27.54
C GLN A 106 22.30 -6.86 26.30
N ILE A 107 21.62 -5.71 26.32
CA ILE A 107 21.79 -4.77 25.21
C ILE A 107 23.16 -4.08 25.31
N ARG A 108 23.65 -3.83 26.54
CA ARG A 108 25.02 -3.34 26.71
C ARG A 108 26.05 -4.39 26.34
N ASN A 109 25.73 -5.68 26.52
CA ASN A 109 26.59 -6.75 26.03
C ASN A 109 26.54 -6.84 24.51
N PHE A 110 25.43 -6.43 23.89
CA PHE A 110 25.37 -6.45 22.43
C PHE A 110 26.19 -5.32 21.80
N GLY A 111 26.50 -4.27 22.55
CA GLY A 111 27.43 -3.27 22.06
C GLY A 111 27.05 -1.83 22.31
N CYS A 112 25.76 -1.52 22.33
CA CYS A 112 25.35 -0.13 22.46
C CYS A 112 25.31 0.28 23.94
N ASN A 113 25.47 1.58 24.16
CA ASN A 113 25.43 2.15 25.49
C ASN A 113 24.41 3.26 25.65
N SER A 114 23.75 3.68 24.58
CA SER A 114 22.73 4.72 24.64
C SER A 114 21.34 4.08 24.61
N PHE A 115 20.42 4.65 25.40
CA PHE A 115 19.12 4.04 25.59
C PHE A 115 18.04 5.11 25.53
N ALA A 116 16.78 4.65 25.53
CA ALA A 116 15.63 5.55 25.45
C ALA A 116 14.45 4.84 26.11
N ILE A 117 14.18 5.20 27.36
CA ILE A 117 13.05 4.62 28.09
C ILE A 117 11.76 5.29 27.63
N PHE A 118 10.79 4.48 27.20
CA PHE A 118 9.52 4.96 26.66
C PHE A 118 8.41 4.45 27.57
N PHE A 119 7.43 5.31 27.85
CA PHE A 119 6.30 4.85 28.65
C PHE A 119 5.01 4.83 27.82
N ASP A 120 4.75 5.90 27.09
CA ASP A 120 3.70 5.92 26.06
C ASP A 120 4.40 6.31 24.76
N ASP A 121 4.42 5.38 23.81
CA ASP A 121 5.17 5.59 22.58
C ASP A 121 4.41 6.53 21.65
N ILE A 122 5.15 7.46 21.05
CA ILE A 122 4.56 8.46 20.16
C ILE A 122 4.22 7.79 18.83
N ASP A 123 2.97 7.94 18.40
CA ASP A 123 2.50 7.34 17.16
C ASP A 123 1.72 8.35 16.32
N PHE A 134 -2.63 8.51 32.21
CA PHE A 134 -3.70 8.84 33.14
C PHE A 134 -3.20 9.76 34.26
N GLU A 135 -3.33 9.30 35.50
CA GLU A 135 -2.95 10.07 36.68
C GLU A 135 -2.09 9.21 37.59
N SER A 136 -1.43 9.92 38.53
CA SER A 136 -0.62 9.35 39.63
C SER A 136 0.52 8.46 39.15
N PHE A 137 1.06 8.74 37.96
CA PHE A 137 2.17 7.99 37.41
C PHE A 137 3.45 8.82 37.29
N ALA A 138 3.38 10.11 37.63
CA ALA A 138 4.44 11.05 37.30
C ALA A 138 5.68 10.84 38.15
N ALA A 139 5.52 10.86 39.48
CA ALA A 139 6.65 10.71 40.38
C ALA A 139 7.19 9.28 40.39
N ALA A 140 6.31 8.30 40.13
CA ALA A 140 6.74 6.91 40.04
C ALA A 140 7.60 6.68 38.79
N GLN A 141 7.20 7.26 37.65
CA GLN A 141 7.98 7.10 36.43
C GLN A 141 9.28 7.90 36.50
N VAL A 142 9.28 9.04 37.20
CA VAL A 142 10.51 9.80 37.44
C VAL A 142 11.49 9.01 38.30
N GLU A 143 10.98 8.34 39.34
CA GLU A 143 11.80 7.49 40.20
C GLU A 143 12.35 6.28 39.44
N VAL A 144 11.53 5.68 38.57
CA VAL A 144 11.95 4.54 37.78
C VAL A 144 13.04 4.93 36.77
N THR A 145 12.85 6.06 36.09
CA THR A 145 13.83 6.54 35.12
C THR A 145 15.14 6.98 35.79
N ASN A 146 15.04 7.61 36.97
CA ASN A 146 16.25 8.02 37.69
C ASN A 146 16.99 6.82 38.28
N GLU A 147 16.26 5.77 38.71
CA GLU A 147 16.94 4.58 39.21
C GLU A 147 17.60 3.79 38.09
N ILE A 148 16.97 3.75 36.91
CA ILE A 148 17.58 3.09 35.76
C ILE A 148 18.81 3.86 35.28
N TYR A 149 18.71 5.20 35.23
CA TYR A 149 19.83 6.05 34.81
C TYR A 149 20.96 6.03 35.82
N LYS A 150 20.65 5.86 37.11
CA LYS A 150 21.70 5.69 38.11
C LYS A 150 22.29 4.28 38.06
N TYR A 151 21.50 3.29 37.65
CA TYR A 151 22.01 1.93 37.50
C TYR A 151 22.99 1.82 36.35
N LEU A 152 22.77 2.58 35.28
CA LEU A 152 23.70 2.61 34.15
C LEU A 152 24.81 3.63 34.32
N GLY A 153 25.01 4.15 35.53
CA GLY A 153 26.06 5.11 35.79
C GLY A 153 25.73 6.49 35.24
N MET A 154 26.41 6.87 34.16
CA MET A 154 26.11 8.10 33.45
C MET A 154 26.30 7.86 31.96
N PRO A 155 25.26 7.38 31.27
CA PRO A 155 25.32 7.35 29.81
C PRO A 155 25.30 8.75 29.22
N ALA A 156 25.98 8.90 28.08
CA ALA A 156 26.11 10.22 27.47
C ALA A 156 24.82 10.65 26.79
N ASN A 157 24.06 9.71 26.23
CA ASN A 157 22.83 10.03 25.51
C ASN A 157 21.73 9.10 26.01
N PHE A 158 21.02 9.54 27.03
CA PHE A 158 19.90 8.80 27.61
C PHE A 158 18.63 9.59 27.40
N LEU A 159 17.66 8.97 26.72
CA LEU A 159 16.43 9.64 26.35
C LEU A 159 15.26 9.11 27.16
N PHE A 160 14.19 9.89 27.19
CA PHE A 160 13.00 9.55 27.98
C PHE A 160 11.80 10.16 27.28
N CYS A 161 10.84 9.32 26.90
CA CYS A 161 9.64 9.82 26.23
C CYS A 161 8.50 9.90 27.22
N PRO A 162 7.93 11.08 27.46
CA PRO A 162 6.83 11.19 28.41
C PRO A 162 5.52 10.71 27.81
N THR A 163 4.52 10.57 28.68
CA THR A 163 3.20 10.17 28.24
C THR A 163 2.48 11.31 27.52
N GLU A 164 2.68 12.55 27.97
CA GLU A 164 2.09 13.71 27.32
C GLU A 164 3.16 14.36 26.47
N TYR A 165 3.35 13.80 25.28
CA TYR A 165 4.41 14.19 24.36
C TYR A 165 4.01 15.32 23.43
N CYS A 166 2.79 15.82 23.51
CA CYS A 166 2.37 16.93 22.67
C CYS A 166 1.38 17.79 23.44
N ALA A 167 1.18 19.02 22.93
CA ALA A 167 0.29 19.97 23.59
C ALA A 167 -1.18 19.56 23.47
N ALA A 168 -1.53 18.76 22.46
CA ALA A 168 -2.88 18.23 22.36
C ALA A 168 -3.16 17.12 23.35
N ARG A 169 -2.12 16.49 23.92
CA ARG A 169 -2.30 15.42 24.89
C ARG A 169 -2.25 15.92 26.33
N ALA A 170 -1.74 17.12 26.56
CA ALA A 170 -1.78 17.71 27.89
C ALA A 170 -3.21 18.16 28.19
N ASP A 171 -3.86 17.49 29.14
CA ASP A 171 -5.28 17.75 29.38
C ASP A 171 -5.52 19.02 30.22
N PRO A 172 -4.80 19.33 31.35
CA PRO A 172 -4.97 20.68 31.92
C PRO A 172 -4.13 21.70 31.16
N ASN A 173 -4.79 22.47 30.29
CA ASN A 173 -4.29 23.58 29.48
C ASN A 173 -3.14 23.07 28.58
N VAL A 174 -2.22 23.96 28.20
CA VAL A 174 -1.01 23.56 27.48
C VAL A 174 0.26 24.02 28.17
N LYS A 175 0.21 25.06 29.01
CA LYS A 175 1.41 25.53 29.69
C LYS A 175 1.79 24.61 30.84
N GLU A 176 0.92 24.48 31.82
CA GLU A 176 1.19 23.72 33.04
C GLU A 176 0.13 22.65 33.22
N SER A 177 0.41 21.45 32.73
CA SER A 177 -0.43 20.29 32.99
C SER A 177 0.01 19.52 34.22
N LYS A 178 1.10 19.97 34.84
CA LYS A 178 1.77 19.54 36.08
C LYS A 178 2.52 18.20 35.97
N TYR A 179 2.19 17.39 34.96
CA TYR A 179 2.99 16.21 34.67
C TYR A 179 4.32 16.61 34.06
N LEU A 180 4.28 17.60 33.16
CA LEU A 180 5.50 18.15 32.58
C LEU A 180 6.34 18.88 33.61
N VAL A 181 5.70 19.53 34.60
CA VAL A 181 6.49 20.19 35.63
C VAL A 181 7.06 19.17 36.63
N THR A 182 6.39 18.01 36.81
CA THR A 182 6.95 16.97 37.68
C THR A 182 8.12 16.28 37.01
N VAL A 183 8.00 15.95 35.72
CA VAL A 183 9.14 15.35 35.01
C VAL A 183 10.21 16.38 34.64
N GLY A 184 9.93 17.67 34.79
CA GLY A 184 10.96 18.68 34.63
C GLY A 184 11.74 18.94 35.90
N THR A 185 11.08 18.90 37.05
CA THR A 185 11.81 19.16 38.29
C THR A 185 12.42 17.89 38.89
N GLY A 186 11.73 16.75 38.81
CA GLY A 186 12.16 15.57 39.53
C GLY A 186 13.25 14.78 38.83
N LEU A 187 13.32 14.85 37.51
CA LEU A 187 14.30 14.05 36.79
C LEU A 187 15.69 14.65 36.87
N HIS A 188 16.68 13.83 36.53
CA HIS A 188 18.05 14.29 36.46
C HIS A 188 18.23 15.21 35.25
N SER A 189 19.13 16.19 35.41
CA SER A 189 19.28 17.26 34.42
C SER A 189 19.98 16.82 33.15
N ASP A 190 20.58 15.63 33.11
CA ASP A 190 21.28 15.15 31.93
C ASP A 190 20.43 14.18 31.11
N ILE A 191 19.16 14.04 31.43
CA ILE A 191 18.24 13.19 30.68
C ILE A 191 17.44 14.09 29.75
N HIS A 192 17.30 13.68 28.50
CA HIS A 192 16.51 14.43 27.53
C HIS A 192 15.07 13.96 27.53
N ILE A 193 14.16 14.88 27.23
CA ILE A 193 12.73 14.60 27.18
C ILE A 193 12.28 14.71 25.73
N MET A 194 11.56 13.70 25.26
CA MET A 194 11.05 13.73 23.90
C MET A 194 9.83 14.63 23.82
N TRP A 195 9.57 15.14 22.62
CA TRP A 195 8.47 16.04 22.36
C TRP A 195 8.10 15.90 20.89
N THR A 196 6.89 16.31 20.54
CA THR A 196 6.43 16.25 19.16
C THR A 196 6.03 17.61 18.61
N GLY A 197 5.43 18.45 19.44
CA GLY A 197 4.99 19.76 19.01
C GLY A 197 3.63 20.08 19.59
N PRO A 198 2.89 20.97 18.92
CA PRO A 198 1.50 21.21 19.36
C PRO A 198 0.57 20.04 19.04
N LYS A 199 0.89 19.23 18.03
CA LYS A 199 0.06 18.10 17.66
C LYS A 199 0.93 16.84 17.59
N VAL A 200 0.27 15.69 17.70
CA VAL A 200 0.94 14.41 17.47
C VAL A 200 1.27 14.25 15.98
N VAL A 201 0.34 14.66 15.11
CA VAL A 201 0.56 14.68 13.67
C VAL A 201 1.60 15.74 13.31
N SER A 202 1.62 16.85 14.06
CA SER A 202 2.71 17.84 14.13
C SER A 202 2.95 18.54 12.78
N ASN A 203 2.00 19.39 12.43
CA ASN A 203 2.17 20.31 11.31
C ASN A 203 2.20 21.74 11.82
N LYS A 204 3.09 22.54 11.22
CA LYS A 204 3.27 23.97 11.47
C LYS A 204 3.61 24.25 12.94
N ILE A 205 4.78 23.76 13.34
CA ILE A 205 5.24 23.97 14.71
C ILE A 205 6.05 25.26 14.77
N SER A 206 6.22 25.78 15.98
CA SER A 206 6.82 27.10 16.16
C SER A 206 7.75 27.05 17.35
N VAL A 207 8.58 28.10 17.46
CA VAL A 207 9.55 28.17 18.55
C VAL A 207 8.96 28.64 19.86
N GLU A 208 7.72 29.13 19.86
CA GLU A 208 7.11 29.63 21.09
C GLU A 208 6.66 28.49 22.00
N SER A 209 6.12 27.42 21.40
CA SER A 209 5.75 26.24 22.18
C SER A 209 6.99 25.55 22.73
N ILE A 210 8.09 25.56 21.97
CA ILE A 210 9.34 24.99 22.45
C ILE A 210 9.96 25.88 23.51
N LEU A 211 9.72 27.20 23.43
CA LEU A 211 10.23 28.12 24.47
C LEU A 211 9.48 27.95 25.78
N GLU A 212 8.15 27.81 25.72
CA GLU A 212 7.41 27.58 26.97
C GLU A 212 7.64 26.16 27.49
N LEU A 213 7.94 25.20 26.61
CA LEU A 213 8.33 23.88 27.08
C LEU A 213 9.73 23.89 27.71
N GLN A 214 10.62 24.76 27.22
CA GLN A 214 11.91 24.93 27.86
C GLN A 214 11.78 25.65 29.20
N THR A 215 10.79 26.53 29.32
CA THR A 215 10.47 27.14 30.61
C THR A 215 9.95 26.11 31.61
N VAL A 216 9.07 25.22 31.15
CA VAL A 216 8.45 24.24 32.04
C VAL A 216 9.44 23.14 32.41
N LEU A 217 10.07 22.53 31.40
CA LEU A 217 10.90 21.34 31.59
C LEU A 217 12.29 21.65 32.12
N ARG A 218 12.66 22.93 32.21
CA ARG A 218 13.96 23.53 32.53
C ARG A 218 15.17 22.83 31.87
N ARG A 219 14.98 22.37 30.64
CA ARG A 219 16.02 21.75 29.83
C ARG A 219 15.56 21.78 28.38
N LYS A 220 16.51 21.68 27.47
CA LYS A 220 16.16 21.63 26.06
C LYS A 220 15.65 20.24 25.70
N PRO A 221 14.47 20.13 25.10
CA PRO A 221 13.95 18.81 24.73
C PRO A 221 14.55 18.34 23.41
N VAL A 222 14.04 17.20 22.93
CA VAL A 222 14.43 16.63 21.66
C VAL A 222 13.16 16.30 20.89
N ILE A 223 13.00 16.90 19.71
CA ILE A 223 11.74 16.80 18.96
C ILE A 223 11.82 15.56 18.07
N TRP A 224 11.17 14.49 18.50
CA TRP A 224 10.61 13.49 17.61
C TRP A 224 9.67 14.21 16.65
N ASP A 225 9.99 14.22 15.37
CA ASP A 225 9.13 14.87 14.38
C ASP A 225 8.35 13.81 13.62
N ASN A 226 7.17 14.20 13.13
CA ASN A 226 6.32 13.30 12.37
C ASN A 226 5.83 13.96 11.09
N ILE A 227 6.63 14.86 10.52
CA ILE A 227 6.20 15.57 9.32
C ILE A 227 6.33 14.70 8.06
N HIS A 228 7.06 13.59 8.14
CA HIS A 228 7.18 12.67 7.01
C HIS A 228 6.59 11.31 7.33
N ALA A 229 5.89 11.16 8.45
CA ALA A 229 5.30 9.88 8.80
C ALA A 229 4.06 9.63 7.96
N ASN A 230 3.81 8.36 7.66
CA ASN A 230 2.70 8.04 6.77
C ASN A 230 1.93 6.79 7.17
N ASP A 231 2.14 6.25 8.37
CA ASP A 231 1.42 5.05 8.80
C ASP A 231 -0.02 5.31 9.22
N TYR A 232 -0.41 6.57 9.40
CA TYR A 232 -1.68 6.94 9.98
C TYR A 232 -2.75 7.27 8.95
N GLU A 233 -2.43 7.21 7.66
CA GLU A 233 -3.40 7.54 6.62
C GLU A 233 -3.30 6.55 5.47
N GLN A 234 -4.37 6.43 4.70
CA GLN A 234 -4.41 5.50 3.58
C GLN A 234 -3.84 6.17 2.34
N GLY A 235 -2.73 5.64 1.85
CA GLY A 235 -2.14 6.15 0.62
C GLY A 235 -1.42 7.46 0.75
N ARG A 236 -1.15 7.92 1.97
CA ARG A 236 -0.35 9.12 2.16
C ARG A 236 1.11 8.79 1.90
N LEU A 237 1.76 9.58 1.06
CA LEU A 237 3.20 9.49 0.85
C LEU A 237 3.79 10.87 1.02
N ASN A 238 4.82 10.99 1.85
CA ASN A 238 5.44 12.27 2.15
C ASN A 238 6.83 12.28 1.54
N LEU A 239 6.88 12.62 0.25
CA LEU A 239 8.12 12.83 -0.47
C LEU A 239 8.51 14.29 -0.51
N GLY A 240 7.85 15.13 0.27
CA GLY A 240 8.14 16.54 0.27
C GLY A 240 9.38 16.86 1.06
N PRO A 241 9.85 18.10 0.93
CA PRO A 241 11.04 18.52 1.66
C PRO A 241 10.72 18.81 3.13
N TYR A 242 11.76 19.18 3.86
CA TYR A 242 11.62 19.55 5.26
C TYR A 242 11.26 21.03 5.33
N ASP A 243 10.00 21.32 5.66
CA ASP A 243 9.47 22.68 5.61
C ASP A 243 8.76 22.99 6.92
N CYS A 244 8.49 24.29 7.11
CA CYS A 244 7.77 24.86 8.25
C CYS A 244 8.44 24.56 9.59
N ARG A 245 9.77 24.57 9.58
CA ARG A 245 10.57 24.53 10.80
C ARG A 245 11.72 25.50 10.66
N PRO A 246 11.80 26.53 11.50
CA PRO A 246 12.91 27.49 11.39
C PRO A 246 14.20 26.94 11.96
N ALA A 247 15.28 27.67 11.70
CA ALA A 247 16.60 27.31 12.17
C ALA A 247 16.78 27.52 13.67
N GLU A 248 16.05 28.48 14.25
CA GLU A 248 16.12 28.70 15.68
C GLU A 248 15.44 27.59 16.46
N LEU A 249 14.52 26.86 15.83
CA LEU A 249 13.97 25.65 16.40
C LEU A 249 15.05 24.58 16.55
N MET A 250 15.96 24.49 15.58
CA MET A 250 17.13 23.62 15.72
C MET A 250 18.09 24.14 16.77
N GLU A 251 18.14 25.47 16.94
CA GLU A 251 19.07 26.08 17.89
C GLU A 251 18.67 25.79 19.33
N SER A 252 17.38 25.86 19.65
CA SER A 252 16.94 25.70 21.03
C SER A 252 16.53 24.27 21.35
N LEU A 253 17.40 23.30 21.08
CA LEU A 253 17.13 21.91 21.39
C LEU A 253 18.41 21.20 21.80
N ASN A 254 18.25 19.94 22.23
CA ASN A 254 19.35 19.01 22.42
C ASN A 254 19.36 17.91 21.36
N GLY A 255 18.89 18.22 20.15
CA GLY A 255 18.79 17.22 19.10
C GLY A 255 17.38 17.17 18.53
N ILE A 256 17.24 16.66 17.32
CA ILE A 256 15.92 16.51 16.72
C ILE A 256 15.90 15.29 15.81
N PHE A 257 15.02 14.35 16.10
CA PHE A 257 14.81 13.18 15.27
C PHE A 257 13.68 13.42 14.28
N THR A 258 13.55 12.50 13.33
CA THR A 258 12.47 12.53 12.36
C THR A 258 11.98 11.12 12.11
N ASN A 259 10.69 10.99 11.86
CA ASN A 259 10.08 9.70 11.58
C ASN A 259 9.76 9.63 10.09
N PRO A 260 10.53 8.87 9.31
CA PRO A 260 10.30 8.86 7.86
C PRO A 260 9.20 7.89 7.45
N ASN A 261 9.05 7.67 6.15
CA ASN A 261 8.01 6.80 5.62
C ASN A 261 8.32 5.34 5.93
N CYS A 262 7.29 4.50 5.77
CA CYS A 262 7.43 3.07 6.05
C CYS A 262 8.27 2.36 5.00
N GLU A 263 8.32 2.89 3.79
CA GLU A 263 9.13 2.32 2.72
C GLU A 263 10.46 3.06 2.68
N PHE A 264 11.56 2.32 2.70
CA PHE A 264 12.87 2.93 2.92
C PHE A 264 13.40 3.68 1.71
N GLU A 265 13.22 3.14 0.50
CA GLU A 265 13.84 3.71 -0.69
C GLU A 265 13.17 5.01 -1.14
N LEU A 266 11.96 5.30 -0.66
CA LEU A 266 11.31 6.57 -0.94
C LEU A 266 11.80 7.70 -0.06
N ASN A 267 12.60 7.39 0.96
CA ASN A 267 13.04 8.37 1.94
C ASN A 267 14.38 8.99 1.60
N TYR A 268 14.70 9.14 0.32
CA TYR A 268 15.92 9.85 -0.03
C TYR A 268 15.75 11.35 0.16
N VAL A 269 14.70 11.91 -0.45
CA VAL A 269 14.52 13.37 -0.45
C VAL A 269 14.15 13.97 0.90
N PRO A 270 13.24 13.40 1.73
CA PRO A 270 13.01 14.02 3.06
C PRO A 270 14.19 13.92 4.02
N ILE A 271 14.94 12.82 4.00
CA ILE A 271 16.10 12.72 4.88
C ILE A 271 17.24 13.59 4.35
N ARG A 272 17.32 13.81 3.03
CA ARG A 272 18.35 14.72 2.51
C ARG A 272 18.01 16.17 2.79
N THR A 273 16.72 16.55 2.74
CA THR A 273 16.36 17.91 3.10
C THR A 273 16.47 18.15 4.60
N PHE A 274 16.20 17.13 5.40
CA PHE A 274 16.45 17.22 6.84
C PHE A 274 17.95 17.29 7.14
N SER A 275 18.76 16.58 6.36
CA SER A 275 20.21 16.65 6.51
C SER A 275 20.75 18.00 6.10
N LEU A 276 20.15 18.63 5.09
CA LEU A 276 20.46 20.02 4.76
C LEU A 276 20.07 20.94 5.92
N TRP A 277 18.86 20.72 6.46
CA TRP A 277 18.30 21.53 7.54
C TRP A 277 19.09 21.42 8.84
N CYS A 278 19.81 20.32 9.07
CA CYS A 278 20.68 20.20 10.22
C CYS A 278 22.11 20.64 9.92
N GLN A 279 22.75 19.98 8.95
CA GLN A 279 24.20 20.11 8.77
C GLN A 279 24.61 21.43 8.14
N SER A 280 23.80 22.00 7.25
CA SER A 280 24.13 23.33 6.76
C SER A 280 23.84 24.40 7.81
N LYS A 281 22.93 24.12 8.74
CA LYS A 281 22.62 25.04 9.84
C LYS A 281 23.57 24.92 11.00
N ARG A 282 24.47 23.93 10.99
CA ARG A 282 25.56 23.93 11.95
C ARG A 282 26.57 25.04 11.66
N THR A 283 26.66 25.49 10.41
CA THR A 283 27.57 26.56 10.03
C THR A 283 26.87 27.90 9.81
N ARG A 284 25.70 27.91 9.15
CA ARG A 284 24.99 29.15 8.89
C ARG A 284 23.49 28.87 8.85
N PHE A 285 22.71 29.70 9.53
CA PHE A 285 21.31 29.42 9.79
C PHE A 285 20.37 29.78 8.63
N ASN A 286 20.85 29.91 7.40
CA ASN A 286 19.99 30.16 6.26
C ASN A 286 19.59 28.84 5.60
N TYR A 287 18.34 28.77 5.14
CA TYR A 287 17.79 27.53 4.60
C TYR A 287 16.84 27.85 3.47
N ASP A 288 17.13 27.34 2.28
CA ASP A 288 16.23 27.45 1.15
C ASP A 288 15.55 26.10 0.94
N VAL A 289 14.22 26.10 0.93
CA VAL A 289 13.48 24.85 0.80
C VAL A 289 13.54 24.34 -0.65
N GLU A 290 13.44 25.25 -1.62
CA GLU A 290 13.42 24.85 -3.01
C GLU A 290 14.79 24.44 -3.53
N LYS A 291 15.86 25.09 -3.05
CA LYS A 291 17.21 24.71 -3.45
C LYS A 291 17.61 23.35 -2.89
N ALA A 292 17.25 23.09 -1.62
CA ALA A 292 17.48 21.78 -1.04
C ALA A 292 16.59 20.72 -1.68
N LEU A 293 15.38 21.10 -2.09
CA LEU A 293 14.49 20.17 -2.78
C LEU A 293 15.02 19.80 -4.16
N GLU A 294 15.54 20.77 -4.90
CA GLU A 294 16.07 20.44 -6.22
C GLU A 294 17.42 19.73 -6.14
N GLN A 295 18.23 20.01 -5.11
CA GLN A 295 19.46 19.25 -4.90
C GLN A 295 19.17 17.81 -4.52
N SER A 296 18.19 17.60 -3.63
CA SER A 296 17.80 16.24 -3.25
C SER A 296 17.12 15.51 -4.40
N ILE A 297 16.42 16.22 -5.28
CA ILE A 297 15.80 15.51 -6.38
C ILE A 297 16.81 15.22 -7.50
N ARG A 298 17.88 16.01 -7.62
CA ARG A 298 18.95 15.68 -8.56
C ARG A 298 19.76 14.48 -8.06
N GLU A 299 20.05 14.44 -6.75
CA GLU A 299 20.69 13.27 -6.18
C GLU A 299 19.78 12.05 -6.20
N TRP A 300 18.46 12.25 -6.16
CA TRP A 300 17.57 11.11 -6.26
C TRP A 300 17.44 10.61 -7.70
N THR A 301 17.61 11.47 -8.72
CA THR A 301 17.70 10.91 -10.07
C THR A 301 19.02 10.17 -10.29
N GLU A 302 20.10 10.66 -9.69
CA GLU A 302 21.37 9.94 -9.74
C GLU A 302 21.31 8.61 -9.02
N GLU A 303 20.50 8.50 -7.96
CA GLU A 303 20.24 7.21 -7.35
C GLU A 303 19.19 6.40 -8.11
N PHE A 304 18.31 7.05 -8.86
CA PHE A 304 17.29 6.40 -9.66
C PHE A 304 17.88 5.61 -10.82
N CYS A 305 19.00 6.07 -11.37
CA CYS A 305 19.63 5.38 -12.50
C CYS A 305 20.39 4.12 -12.11
N ILE A 306 20.55 3.82 -10.82
CA ILE A 306 21.28 2.65 -10.36
C ILE A 306 20.42 1.41 -10.61
N PRO A 307 20.98 0.32 -11.16
CA PRO A 307 20.19 -0.89 -11.43
C PRO A 307 20.18 -1.89 -10.27
N ARG A 308 19.68 -1.44 -9.12
CA ARG A 308 19.59 -2.32 -7.96
C ARG A 308 18.32 -3.17 -8.04
N LEU A 309 18.49 -4.48 -7.98
CA LEU A 309 17.35 -5.39 -8.02
C LEU A 309 16.74 -5.59 -6.64
N LEU A 352 13.94 8.71 -17.42
CA LEU A 352 13.39 9.56 -16.38
C LEU A 352 14.24 10.79 -16.16
N THR A 353 13.76 11.94 -16.61
CA THR A 353 14.46 13.20 -16.40
C THR A 353 14.02 13.79 -15.07
N VAL A 354 14.58 14.96 -14.72
CA VAL A 354 14.36 15.54 -13.39
C VAL A 354 12.97 16.17 -13.30
N LYS A 355 12.34 16.45 -14.44
CA LYS A 355 11.05 17.15 -14.45
C LYS A 355 9.92 16.23 -14.00
N ASP A 356 9.95 14.97 -14.42
CA ASP A 356 8.87 14.05 -14.05
C ASP A 356 9.01 13.59 -12.60
N ILE A 357 10.24 13.49 -12.09
CA ILE A 357 10.40 13.14 -10.69
C ILE A 357 10.14 14.37 -9.81
N ARG A 358 10.32 15.57 -10.38
CA ARG A 358 9.85 16.80 -9.72
C ARG A 358 8.33 16.82 -9.62
N LEU A 359 7.67 16.33 -10.68
CA LEU A 359 6.21 16.19 -10.67
C LEU A 359 5.76 15.16 -9.64
N LEU A 360 6.51 14.07 -9.48
CA LEU A 360 6.16 13.06 -8.49
C LEU A 360 6.36 13.57 -7.05
N VAL A 361 7.42 14.34 -6.82
CA VAL A 361 7.66 14.90 -5.50
C VAL A 361 6.65 16.01 -5.18
N GLU A 362 6.29 16.79 -6.20
CA GLU A 362 5.34 17.89 -6.00
C GLU A 362 3.91 17.37 -5.90
N LEU A 363 3.67 16.13 -6.30
CA LEU A 363 2.35 15.56 -6.10
C LEU A 363 2.18 15.06 -4.67
N PHE A 364 3.00 14.09 -4.25
CA PHE A 364 2.91 13.53 -2.91
C PHE A 364 3.78 14.37 -1.95
N TYR A 365 3.23 15.52 -1.57
CA TYR A 365 3.93 16.47 -0.73
C TYR A 365 3.66 16.20 0.74
N LEU A 366 3.91 17.19 1.58
CA LEU A 366 3.69 17.15 3.02
C LEU A 366 2.19 17.09 3.34
N PRO A 367 1.82 16.64 4.53
CA PRO A 367 0.40 16.74 4.92
C PRO A 367 -0.07 18.17 5.19
N GLN A 368 0.85 19.08 5.51
CA GLN A 368 0.45 20.45 5.81
C GLN A 368 0.14 21.23 4.54
N LYS A 369 0.80 20.90 3.43
CA LYS A 369 0.63 21.65 2.20
C LYS A 369 0.95 20.76 1.00
N HIS A 370 0.21 20.95 -0.09
CA HIS A 370 0.47 20.27 -1.34
C HIS A 370 1.49 21.05 -2.16
N GLY A 371 1.90 20.46 -3.27
CA GLY A 371 2.85 21.12 -4.14
C GLY A 371 2.19 22.09 -5.09
N LYS A 372 2.98 22.61 -6.03
CA LYS A 372 2.48 23.57 -7.00
C LYS A 372 1.58 22.88 -8.03
N THR A 373 2.01 21.72 -8.53
CA THR A 373 1.23 20.98 -9.51
C THR A 373 -0.04 20.40 -8.91
N ALA A 374 0.03 19.98 -7.65
CA ALA A 374 -1.13 19.41 -6.97
C ALA A 374 -2.19 20.48 -6.69
N ASN A 375 -1.74 21.68 -6.29
CA ASN A 375 -2.67 22.79 -6.07
C ASN A 375 -3.25 23.28 -7.38
N ASP A 376 -2.47 23.23 -8.46
CA ASP A 376 -2.99 23.58 -9.79
C ASP A 376 -4.04 22.58 -10.25
N LEU A 377 -3.83 21.30 -9.98
CA LEU A 377 -4.81 20.29 -10.37
C LEU A 377 -6.08 20.37 -9.53
N LEU A 378 -5.94 20.70 -8.23
CA LEU A 378 -7.13 20.85 -7.39
C LEU A 378 -7.91 22.10 -7.77
N ALA A 379 -7.22 23.18 -8.15
CA ALA A 379 -7.88 24.40 -8.58
C ALA A 379 -8.59 24.21 -9.92
N GLN A 380 -7.96 23.46 -10.84
CA GLN A 380 -8.59 23.21 -12.13
C GLN A 380 -9.76 22.24 -12.00
N ALA A 381 -9.67 21.28 -11.07
CA ALA A 381 -10.77 20.36 -10.82
C ALA A 381 -11.95 21.07 -10.16
N LYS A 382 -11.65 22.02 -9.27
CA LYS A 382 -12.69 22.83 -8.66
C LYS A 382 -13.36 23.75 -9.68
N TRP A 383 -12.56 24.29 -10.62
CA TRP A 383 -13.12 25.16 -11.66
C TRP A 383 -13.97 24.37 -12.65
N LEU A 384 -13.56 23.13 -12.97
CA LEU A 384 -14.37 22.32 -13.86
C LEU A 384 -15.61 21.78 -13.16
N LYS A 385 -15.53 21.62 -11.84
CA LYS A 385 -16.68 21.12 -11.10
C LYS A 385 -17.70 22.22 -10.83
N SER A 386 -17.23 23.47 -10.73
CA SER A 386 -18.12 24.54 -10.29
C SER A 386 -19.02 25.03 -11.42
N ASN A 387 -18.44 25.39 -12.56
CA ASN A 387 -19.19 25.99 -13.67
C ASN A 387 -19.45 24.99 -14.78
N PHE A 388 -19.86 23.77 -14.42
CA PHE A 388 -20.12 22.73 -15.42
C PHE A 388 -21.48 22.89 -16.08
N ARG A 389 -22.30 23.87 -15.67
CA ARG A 389 -23.66 23.99 -16.21
C ARG A 389 -23.66 24.61 -17.59
N ILE A 390 -22.54 25.21 -18.01
CA ILE A 390 -22.43 25.75 -19.36
C ILE A 390 -22.03 24.68 -20.37
N ALA A 391 -21.71 23.47 -19.89
CA ALA A 391 -21.33 22.39 -20.80
C ALA A 391 -22.54 21.83 -21.53
N ALA A 392 -22.26 21.24 -22.71
CA ALA A 392 -23.25 20.66 -23.64
C ALA A 392 -24.34 21.64 -24.04
N LEU A 393 -23.97 22.92 -24.20
CA LEU A 393 -24.92 23.96 -24.58
C LEU A 393 -24.38 24.80 -25.74
N ASN A 410 -24.08 32.43 -28.05
CA ASN A 410 -22.79 32.90 -28.51
C ASN A 410 -21.77 32.88 -27.37
N THR A 411 -22.08 33.61 -26.30
CA THR A 411 -21.19 33.64 -25.14
C THR A 411 -21.22 32.32 -24.39
N ASP A 412 -22.39 31.67 -24.36
CA ASP A 412 -22.52 30.35 -23.74
C ASP A 412 -21.76 29.30 -24.55
N TYR A 413 -21.75 29.44 -25.87
CA TYR A 413 -21.06 28.47 -26.72
C TYR A 413 -19.55 28.62 -26.64
N ILE A 414 -19.04 29.85 -26.56
CA ILE A 414 -17.60 30.01 -26.38
C ILE A 414 -17.20 29.71 -24.94
N ALA A 415 -18.13 29.84 -23.98
CA ALA A 415 -17.86 29.41 -22.61
C ALA A 415 -17.78 27.89 -22.52
N ALA A 416 -18.62 27.20 -23.30
CA ALA A 416 -18.54 25.74 -23.38
C ALA A 416 -17.25 25.31 -24.08
N LYS A 417 -16.79 26.09 -25.06
CA LYS A 417 -15.50 25.79 -25.70
C LYS A 417 -14.32 26.02 -24.76
N GLU A 418 -14.42 27.04 -23.91
CA GLU A 418 -13.40 27.27 -22.88
C GLU A 418 -13.39 26.14 -21.85
N TRP A 419 -14.59 25.65 -21.50
CA TRP A 419 -14.73 24.51 -20.59
C TRP A 419 -14.14 23.24 -21.20
N ASP A 420 -14.34 23.05 -22.51
CA ASP A 420 -13.76 21.90 -23.20
C ASP A 420 -12.25 22.04 -23.31
N LYS A 421 -11.74 23.27 -23.42
CA LYS A 421 -10.29 23.50 -23.41
C LYS A 421 -9.67 23.13 -22.09
N ARG A 422 -10.32 23.52 -20.97
CA ARG A 422 -9.83 23.14 -19.66
C ARG A 422 -9.94 21.63 -19.41
N PHE A 423 -10.99 21.01 -19.93
CA PHE A 423 -11.15 19.57 -19.76
C PHE A 423 -10.16 18.78 -20.59
N SER A 424 -9.79 19.30 -21.77
CA SER A 424 -8.77 18.63 -22.57
C SER A 424 -7.39 18.83 -21.97
N LYS A 425 -7.17 19.96 -21.29
CA LYS A 425 -5.93 20.14 -20.53
C LYS A 425 -5.83 19.14 -19.37
N PHE A 426 -6.96 18.89 -18.70
CA PHE A 426 -7.01 17.88 -17.64
C PHE A 426 -6.77 16.47 -18.17
N ARG A 427 -7.32 16.15 -19.35
CA ARG A 427 -7.08 14.85 -19.97
C ARG A 427 -5.63 14.69 -20.41
N SER A 428 -5.00 15.79 -20.84
CA SER A 428 -3.58 15.75 -21.18
C SER A 428 -2.71 15.54 -19.95
N ILE A 429 -3.15 16.08 -18.79
CA ILE A 429 -2.39 15.88 -17.56
C ILE A 429 -2.48 14.43 -17.09
N CYS A 430 -3.66 13.80 -17.24
CA CYS A 430 -3.78 12.39 -16.88
C CYS A 430 -3.03 11.49 -17.86
N GLN A 431 -2.97 11.91 -19.13
CA GLN A 431 -2.23 11.14 -20.12
C GLN A 431 -0.72 11.21 -19.88
N ILE A 432 -0.20 12.40 -19.50
CA ILE A 432 1.24 12.48 -19.27
C ILE A 432 1.61 11.85 -17.93
N ILE A 433 0.68 11.78 -16.97
CA ILE A 433 1.04 11.09 -15.74
C ILE A 433 0.93 9.58 -15.92
N HIS A 434 0.12 9.10 -16.87
CA HIS A 434 0.14 7.68 -17.19
C HIS A 434 1.40 7.30 -17.99
N GLN A 435 1.86 8.22 -18.86
CA GLN A 435 3.13 7.99 -19.55
C GLN A 435 4.31 8.04 -18.60
N PHE A 436 4.22 8.88 -17.55
CA PHE A 436 5.21 8.85 -16.48
C PHE A 436 5.16 7.54 -15.71
N GLY A 437 3.96 6.98 -15.54
CA GLY A 437 3.84 5.67 -14.89
C GLY A 437 4.49 4.55 -15.70
N ASP A 438 4.33 4.58 -17.03
CA ASP A 438 4.97 3.57 -17.88
C ASP A 438 6.49 3.77 -17.94
N ARG A 439 6.94 5.02 -18.00
CA ARG A 439 8.37 5.32 -18.05
C ARG A 439 9.04 5.03 -16.71
N LEU A 440 8.27 5.12 -15.62
CA LEU A 440 8.75 4.69 -14.32
C LEU A 440 8.75 3.17 -14.22
N MET A 441 7.83 2.51 -14.93
CA MET A 441 7.82 1.04 -14.96
C MET A 441 9.02 0.50 -15.74
N THR A 442 9.56 1.27 -16.68
CA THR A 442 10.76 0.86 -17.41
C THR A 442 12.06 1.26 -16.70
N CYS A 443 12.06 1.35 -15.37
CA CYS A 443 13.25 1.80 -14.65
C CYS A 443 14.24 0.65 -14.44
N ARG A 444 15.45 1.02 -14.04
CA ARG A 444 16.50 0.04 -13.78
C ARG A 444 16.34 -0.58 -12.39
N ASN A 445 16.14 0.26 -11.37
CA ASN A 445 15.95 -0.17 -10.00
C ASN A 445 14.55 -0.77 -9.88
N ARG A 446 14.43 -1.92 -9.20
CA ARG A 446 13.13 -2.57 -9.12
C ARG A 446 12.57 -2.53 -7.71
N VAL A 447 13.45 -2.58 -6.70
CA VAL A 447 12.98 -2.53 -5.31
C VAL A 447 12.59 -1.11 -4.93
N LEU A 448 13.09 -0.12 -5.68
CA LEU A 448 12.61 1.25 -5.54
C LEU A 448 11.43 1.50 -6.47
N LEU A 449 11.27 0.64 -7.49
CA LEU A 449 10.13 0.74 -8.39
C LEU A 449 8.86 0.31 -7.69
N TYR A 450 8.89 -0.83 -6.97
CA TYR A 450 7.67 -1.37 -6.41
C TYR A 450 7.14 -0.53 -5.24
N GLU A 451 8.04 0.14 -4.52
CA GLU A 451 7.61 0.97 -3.39
C GLU A 451 6.93 2.26 -3.85
N VAL A 452 7.13 2.65 -5.11
CA VAL A 452 6.57 3.88 -5.61
C VAL A 452 5.46 3.65 -6.66
N TYR A 453 5.28 2.42 -7.15
CA TYR A 453 4.41 2.22 -8.30
C TYR A 453 2.93 2.22 -7.89
N ASN A 454 2.64 1.78 -6.67
CA ASN A 454 1.25 1.66 -6.23
C ASN A 454 0.59 3.02 -6.05
N TYR A 455 1.38 4.00 -5.59
CA TYR A 455 0.87 5.36 -5.41
C TYR A 455 0.57 6.02 -6.75
N VAL A 456 1.46 5.85 -7.73
CA VAL A 456 1.28 6.43 -9.05
C VAL A 456 0.13 5.75 -9.79
N ALA A 457 -0.01 4.42 -9.61
CA ALA A 457 -1.08 3.68 -10.27
C ALA A 457 -2.46 4.03 -9.69
N ASP A 458 -2.55 4.17 -8.36
CA ASP A 458 -3.81 4.55 -7.75
C ASP A 458 -4.15 6.02 -8.01
N LEU A 459 -3.14 6.88 -8.15
CA LEU A 459 -3.37 8.26 -8.53
C LEU A 459 -3.87 8.37 -9.96
N CYS A 460 -3.32 7.58 -10.88
CA CYS A 460 -3.80 7.56 -12.27
C CYS A 460 -5.22 7.01 -12.35
N GLY A 461 -5.53 6.00 -11.53
CA GLY A 461 -6.88 5.47 -11.51
C GLY A 461 -7.91 6.45 -10.97
N ILE A 462 -7.58 7.15 -9.88
CA ILE A 462 -8.52 8.11 -9.32
C ILE A 462 -8.61 9.37 -10.18
N LEU A 463 -7.55 9.70 -10.94
CA LEU A 463 -7.61 10.84 -11.85
C LEU A 463 -8.45 10.52 -13.08
N TYR A 464 -8.36 9.27 -13.56
CA TYR A 464 -9.24 8.85 -14.64
C TYR A 464 -10.70 8.76 -14.19
N HIS A 465 -10.94 8.36 -12.94
CA HIS A 465 -12.30 8.37 -12.40
C HIS A 465 -12.84 9.79 -12.25
N LEU A 466 -11.97 10.73 -11.89
CA LEU A 466 -12.34 12.15 -11.82
C LEU A 466 -12.70 12.70 -13.20
N ILE A 467 -11.91 12.37 -14.21
CA ILE A 467 -12.15 12.85 -15.57
C ILE A 467 -13.40 12.20 -16.16
N SER A 468 -13.65 10.92 -15.84
CA SER A 468 -14.88 10.27 -16.27
C SER A 468 -16.11 10.84 -15.59
N ARG A 469 -16.00 11.25 -14.31
CA ARG A 469 -17.13 11.87 -13.63
C ARG A 469 -17.42 13.26 -14.19
N ILE A 470 -16.38 14.03 -14.51
CA ILE A 470 -16.57 15.36 -15.10
C ILE A 470 -17.15 15.25 -16.52
N HIS A 471 -16.72 14.24 -17.28
CA HIS A 471 -17.27 14.03 -18.61
C HIS A 471 -18.69 13.49 -18.57
N SER A 472 -19.04 12.72 -17.53
CA SER A 472 -20.43 12.30 -17.36
C SER A 472 -21.30 13.47 -16.94
N LEU A 473 -20.75 14.42 -16.19
CA LEU A 473 -21.49 15.64 -15.87
C LEU A 473 -21.52 16.63 -17.01
N ALA A 474 -20.69 16.45 -18.04
CA ALA A 474 -20.68 17.37 -19.17
C ALA A 474 -21.93 17.20 -20.03
N ASN A 475 -22.08 16.05 -20.65
CA ASN A 475 -23.21 15.80 -21.53
C ASN A 475 -24.30 15.06 -20.79
N PRO A 476 -25.59 15.32 -21.12
CA PRO A 476 -26.69 14.56 -20.51
C PRO A 476 -26.76 13.12 -21.00
N SER A 489 -23.95 4.00 -8.70
CA SER A 489 -23.19 4.77 -7.72
C SER A 489 -21.72 4.83 -8.09
N PHE A 490 -20.88 5.14 -7.11
CA PHE A 490 -19.44 5.25 -7.30
C PHE A 490 -18.74 4.48 -6.20
N ARG A 491 -18.09 3.37 -6.57
CA ARG A 491 -17.39 2.51 -5.63
C ARG A 491 -15.90 2.63 -5.90
N TYR A 492 -15.15 3.06 -4.88
CA TYR A 492 -13.70 3.15 -4.98
C TYR A 492 -13.15 3.00 -3.57
N GLY A 493 -12.02 2.30 -3.44
CA GLY A 493 -11.38 2.12 -2.16
C GLY A 493 -11.92 0.99 -1.32
N GLY A 494 -13.04 0.39 -1.69
CA GLY A 494 -13.60 -0.67 -0.88
C GLY A 494 -14.29 -0.12 0.34
N PHE A 495 -14.06 -0.76 1.48
CA PHE A 495 -14.69 -0.33 2.72
C PHE A 495 -14.09 0.96 3.25
N VAL A 496 -12.79 1.17 3.02
CA VAL A 496 -12.13 2.41 3.44
C VAL A 496 -12.66 3.60 2.65
N GLY A 497 -12.82 3.43 1.34
CA GLY A 497 -13.44 4.48 0.54
C GLY A 497 -14.92 4.65 0.81
N ASP A 498 -15.60 3.57 1.23
CA ASP A 498 -17.00 3.69 1.62
C ASP A 498 -17.17 4.51 2.90
N ILE A 499 -16.27 4.30 3.88
CA ILE A 499 -16.28 5.11 5.10
C ILE A 499 -15.90 6.56 4.79
N HIS A 500 -14.96 6.76 3.87
CA HIS A 500 -14.53 8.11 3.47
C HIS A 500 -15.64 8.88 2.78
N ARG A 501 -16.37 8.23 1.87
CA ARG A 501 -17.51 8.85 1.22
C ARG A 501 -18.69 9.01 2.18
N LEU A 502 -18.78 8.15 3.20
CA LEU A 502 -19.84 8.29 4.18
C LEU A 502 -19.60 9.41 5.17
N ILE A 503 -18.33 9.84 5.35
CA ILE A 503 -18.07 10.95 6.25
C ILE A 503 -17.81 12.26 5.52
N VAL A 504 -17.82 12.27 4.20
CA VAL A 504 -17.81 13.52 3.46
C VAL A 504 -19.21 13.94 3.01
N SER A 505 -20.01 12.98 2.53
CA SER A 505 -21.35 13.29 2.07
C SER A 505 -22.29 13.59 3.23
N THR A 506 -23.04 14.67 3.11
CA THR A 506 -23.93 15.15 4.15
C THR A 506 -25.38 14.88 3.78
N ASP A 507 -26.27 15.22 4.71
CA ASP A 507 -27.70 15.02 4.52
C ASP A 507 -28.33 16.15 3.73
N ASP B 4 -5.40 -31.60 -23.56
CA ASP B 4 -6.17 -30.36 -23.42
C ASP B 4 -7.47 -30.62 -22.67
N LYS B 5 -7.36 -30.76 -21.34
CA LYS B 5 -8.54 -31.01 -20.52
C LYS B 5 -9.22 -29.71 -20.11
N PHE B 6 -8.53 -28.90 -19.30
CA PHE B 6 -9.09 -27.69 -18.73
C PHE B 6 -7.96 -26.83 -18.20
N LEU B 7 -7.91 -25.58 -18.62
CA LEU B 7 -6.84 -24.67 -18.21
C LEU B 7 -7.33 -23.77 -17.07
N SER B 8 -7.49 -24.39 -15.90
CA SER B 8 -7.88 -23.67 -14.70
C SER B 8 -6.64 -23.30 -13.91
N GLY B 9 -6.35 -22.02 -13.83
CA GLY B 9 -5.11 -21.60 -13.22
C GLY B 9 -5.12 -20.19 -12.68
N VAL B 10 -3.92 -19.71 -12.38
CA VAL B 10 -3.70 -18.40 -11.77
C VAL B 10 -2.70 -17.66 -12.64
N VAL B 11 -3.02 -16.43 -13.02
CA VAL B 11 -2.13 -15.61 -13.81
C VAL B 11 -1.36 -14.67 -12.90
N GLU B 12 -0.36 -14.01 -13.48
CA GLU B 12 0.34 -12.90 -12.85
C GLU B 12 0.11 -11.62 -13.62
N GLY B 13 -1.13 -11.38 -14.04
CA GLY B 13 -1.43 -10.23 -14.85
C GLY B 13 -1.55 -8.92 -14.12
N PHE B 14 -1.35 -8.91 -12.80
CA PHE B 14 -1.39 -7.69 -12.03
C PHE B 14 -0.13 -6.86 -12.26
N TYR B 15 -0.16 -5.62 -11.80
CA TYR B 15 0.91 -4.67 -12.00
C TYR B 15 1.74 -4.55 -10.72
N GLY B 16 3.00 -4.17 -10.86
CA GLY B 16 3.82 -3.69 -9.77
C GLY B 16 4.68 -4.74 -9.09
N LYS B 17 4.09 -5.83 -8.60
CA LYS B 17 4.81 -6.77 -7.74
C LYS B 17 5.40 -7.90 -8.57
N PRO B 18 6.69 -8.13 -8.50
CA PRO B 18 7.21 -9.42 -8.96
C PRO B 18 7.20 -10.43 -7.83
N TRP B 19 6.46 -11.53 -8.00
CA TRP B 19 6.49 -12.61 -7.02
C TRP B 19 7.84 -13.31 -7.06
N SER B 20 8.36 -13.67 -5.88
CA SER B 20 9.69 -14.24 -5.78
C SER B 20 9.67 -15.70 -6.23
N PHE B 21 10.85 -16.31 -6.25
CA PHE B 21 10.97 -17.69 -6.71
C PHE B 21 10.39 -18.67 -5.70
N GLU B 22 10.59 -18.41 -4.41
CA GLU B 22 10.02 -19.28 -3.39
C GLU B 22 8.51 -19.05 -3.24
N GLN B 23 8.04 -17.84 -3.52
CA GLN B 23 6.60 -17.58 -3.53
C GLN B 23 5.91 -18.30 -4.68
N ARG B 24 6.54 -18.33 -5.85
CA ARG B 24 6.00 -19.10 -6.96
C ARG B 24 6.14 -20.59 -6.74
N LYS B 25 7.18 -21.02 -5.99
CA LYS B 25 7.34 -22.44 -5.66
C LYS B 25 6.26 -22.91 -4.70
N THR B 26 5.96 -22.11 -3.67
CA THR B 26 4.86 -22.43 -2.77
C THR B 26 3.52 -22.29 -3.45
N LEU B 27 3.42 -21.40 -4.44
CA LEU B 27 2.22 -21.32 -5.28
C LEU B 27 2.04 -22.59 -6.10
N PHE B 28 3.14 -23.15 -6.61
CA PHE B 28 3.06 -24.39 -7.39
C PHE B 28 2.72 -25.58 -6.51
N SER B 29 3.25 -25.60 -5.28
CA SER B 29 2.90 -26.68 -4.36
C SER B 29 1.46 -26.57 -3.88
N ASN B 30 0.96 -25.35 -3.70
CA ASN B 30 -0.45 -25.14 -3.41
C ASN B 30 -1.32 -25.53 -4.60
N MET B 31 -0.84 -25.27 -5.82
CA MET B 31 -1.54 -25.67 -7.03
C MET B 31 -1.62 -27.19 -7.15
N ALA B 32 -0.56 -27.88 -6.76
CA ALA B 32 -0.55 -29.33 -6.79
C ALA B 32 -1.45 -29.92 -5.72
N LYS B 33 -1.44 -29.34 -4.51
CA LYS B 33 -2.24 -29.91 -3.43
C LYS B 33 -3.70 -29.48 -3.48
N TRP B 34 -4.06 -28.46 -4.25
CA TRP B 34 -5.44 -28.00 -4.31
C TRP B 34 -6.21 -28.57 -5.49
N GLY B 35 -5.60 -28.64 -6.67
CA GLY B 35 -6.27 -29.27 -7.79
C GLY B 35 -6.14 -28.55 -9.11
N LEU B 36 -6.02 -27.22 -9.08
CA LEU B 36 -5.90 -26.45 -10.31
C LEU B 36 -4.49 -26.61 -10.89
N ASN B 37 -4.42 -26.71 -12.22
CA ASN B 37 -3.25 -27.28 -12.88
C ASN B 37 -2.65 -26.37 -13.94
N THR B 38 -2.83 -25.05 -13.82
CA THR B 38 -2.27 -24.14 -14.80
C THR B 38 -1.67 -22.93 -14.09
N TYR B 39 -0.78 -22.24 -14.79
CA TYR B 39 -0.17 -21.01 -14.29
C TYR B 39 0.31 -20.22 -15.50
N MET B 40 -0.34 -19.09 -15.78
CA MET B 40 0.11 -18.22 -16.86
C MET B 40 1.04 -17.16 -16.29
N TYR B 41 2.08 -16.84 -17.05
CA TYR B 41 3.16 -15.99 -16.63
C TYR B 41 3.09 -14.70 -17.45
N GLY B 42 2.38 -13.71 -16.93
CA GLY B 42 2.36 -12.42 -17.56
C GLY B 42 2.73 -11.22 -16.69
N PRO B 43 3.87 -11.24 -15.98
CA PRO B 43 4.10 -10.18 -14.99
C PRO B 43 4.54 -8.86 -15.62
N LYS B 44 3.94 -7.78 -15.12
CA LYS B 44 4.26 -6.46 -15.66
C LYS B 44 5.62 -5.95 -15.21
N ASP B 45 6.19 -6.53 -14.16
CA ASP B 45 7.55 -6.17 -13.75
C ASP B 45 8.57 -6.72 -14.74
N ASP B 46 8.31 -7.89 -15.33
CA ASP B 46 9.17 -8.47 -16.34
C ASP B 46 8.80 -7.87 -17.69
N GLU B 47 9.62 -6.95 -18.18
CA GLU B 47 9.37 -6.27 -19.44
C GLU B 47 10.06 -6.95 -20.62
N LYS B 48 10.53 -8.19 -20.45
CA LYS B 48 11.16 -8.90 -21.56
C LYS B 48 10.13 -9.33 -22.59
N HIS B 49 8.92 -9.69 -22.17
CA HIS B 49 7.89 -10.11 -23.10
C HIS B 49 7.01 -8.98 -23.59
N ARG B 50 7.13 -7.78 -23.01
CA ARG B 50 6.26 -6.67 -23.36
C ARG B 50 6.88 -5.72 -24.38
N ALA B 51 8.11 -5.28 -24.14
CA ALA B 51 8.79 -4.38 -25.05
C ALA B 51 10.21 -4.81 -25.40
N ALA B 52 10.84 -5.63 -24.58
CA ALA B 52 12.21 -6.09 -24.84
C ALA B 52 12.25 -7.43 -25.56
N TRP B 53 11.18 -7.79 -26.27
CA TRP B 53 11.15 -9.00 -27.07
C TRP B 53 11.94 -8.89 -28.35
N LYS B 54 12.30 -7.67 -28.77
CA LYS B 54 13.34 -7.49 -29.77
C LYS B 54 14.68 -8.02 -29.25
N GLN B 55 14.97 -7.75 -27.98
CA GLN B 55 16.13 -8.33 -27.32
C GLN B 55 15.85 -9.78 -26.94
N ALA B 56 16.90 -10.50 -26.58
CA ALA B 56 16.79 -11.87 -26.14
C ALA B 56 16.90 -11.95 -24.63
N TYR B 57 16.87 -13.17 -24.11
CA TYR B 57 17.03 -13.39 -22.68
C TYR B 57 18.51 -13.56 -22.33
N SER B 58 18.89 -13.06 -21.15
CA SER B 58 20.26 -13.16 -20.70
C SER B 58 20.51 -14.53 -20.08
N LYS B 59 21.74 -14.72 -19.58
CA LYS B 59 22.13 -16.01 -19.03
C LYS B 59 21.52 -16.23 -17.65
N ARG B 60 21.61 -15.21 -16.78
CA ARG B 60 21.18 -15.36 -15.39
C ARG B 60 19.66 -15.40 -15.28
N GLU B 61 18.97 -14.48 -15.95
CA GLU B 61 17.51 -14.49 -15.92
C GLU B 61 16.95 -15.64 -16.76
N GLY B 62 17.69 -16.08 -17.77
CA GLY B 62 17.31 -17.29 -18.49
C GLY B 62 17.41 -18.54 -17.64
N ASP B 63 18.45 -18.62 -16.81
CA ASP B 63 18.56 -19.73 -15.87
C ASP B 63 17.51 -19.65 -14.76
N SER B 64 17.13 -18.43 -14.35
CA SER B 64 16.06 -18.26 -13.38
C SER B 64 14.72 -18.69 -13.95
N LEU B 65 14.45 -18.34 -15.22
CA LEU B 65 13.23 -18.79 -15.86
C LEU B 65 13.24 -20.29 -16.14
N ARG B 66 14.42 -20.86 -16.41
CA ARG B 66 14.53 -22.31 -16.58
C ARG B 66 14.27 -23.04 -15.28
N ALA B 67 14.76 -22.49 -14.16
CA ALA B 67 14.49 -23.05 -12.84
C ALA B 67 13.00 -22.92 -12.48
N LEU B 68 12.38 -21.81 -12.87
CA LEU B 68 10.95 -21.62 -12.64
C LEU B 68 10.11 -22.59 -13.47
N ILE B 69 10.49 -22.82 -14.73
CA ILE B 69 9.78 -23.72 -15.62
C ILE B 69 9.93 -25.16 -15.15
N ARG B 70 11.14 -25.56 -14.75
CA ARG B 70 11.33 -26.92 -14.25
C ARG B 70 10.75 -27.12 -12.86
N ALA B 71 10.59 -26.05 -12.07
CA ALA B 71 9.90 -26.15 -10.79
C ALA B 71 8.39 -26.33 -11.00
N ALA B 72 7.84 -25.64 -12.00
CA ALA B 72 6.45 -25.85 -12.39
C ALA B 72 6.24 -27.24 -12.98
N GLU B 73 7.23 -27.77 -13.69
CA GLU B 73 7.14 -29.10 -14.27
C GLU B 73 7.21 -30.18 -13.19
N GLU B 74 8.12 -30.03 -12.23
CA GLU B 74 8.25 -31.03 -11.18
C GLU B 74 7.15 -30.93 -10.13
N SER B 75 6.43 -29.80 -10.07
CA SER B 75 5.27 -29.72 -9.18
C SER B 75 4.05 -30.43 -9.76
N GLY B 76 4.01 -30.70 -11.05
CA GLY B 76 2.88 -31.35 -11.66
C GLY B 76 1.89 -30.44 -12.36
N ILE B 77 2.21 -29.16 -12.52
CA ILE B 77 1.36 -28.23 -13.24
C ILE B 77 2.05 -27.89 -14.56
N LEU B 78 1.37 -27.11 -15.38
CA LEU B 78 1.91 -26.70 -16.66
C LEU B 78 2.09 -25.19 -16.71
N PHE B 79 3.03 -24.76 -17.54
CA PHE B 79 3.50 -23.39 -17.59
C PHE B 79 3.12 -22.80 -18.95
N ILE B 80 2.50 -21.63 -18.93
CA ILE B 80 2.10 -20.92 -20.14
C ILE B 80 2.79 -19.57 -20.13
N TYR B 81 3.63 -19.32 -21.13
CA TYR B 81 4.38 -18.08 -21.22
C TYR B 81 3.61 -17.09 -22.07
N ALA B 82 3.18 -15.99 -21.45
CA ALA B 82 2.41 -14.96 -22.14
C ALA B 82 3.36 -13.87 -22.62
N ILE B 83 3.36 -13.62 -23.93
CA ILE B 83 4.21 -12.62 -24.55
C ILE B 83 3.31 -11.64 -25.30
N SER B 84 3.50 -10.35 -25.05
CA SER B 84 2.73 -9.27 -25.69
C SER B 84 3.67 -8.44 -26.55
N PRO B 85 3.77 -8.74 -27.85
CA PRO B 85 4.65 -7.94 -28.72
C PRO B 85 4.04 -6.64 -29.19
N GLY B 86 2.71 -6.59 -29.27
CA GLY B 86 2.01 -5.42 -29.80
C GLY B 86 1.24 -5.77 -31.05
N VAL B 87 0.38 -4.82 -31.44
CA VAL B 87 -0.58 -5.04 -32.52
C VAL B 87 -0.05 -4.44 -33.83
N ASP B 88 1.26 -4.22 -33.89
CA ASP B 88 1.88 -3.62 -35.08
C ASP B 88 2.77 -4.60 -35.83
N ILE B 89 2.44 -5.89 -35.79
CA ILE B 89 3.23 -6.90 -36.47
C ILE B 89 2.81 -6.96 -37.93
N THR B 90 1.57 -7.45 -38.16
CA THR B 90 0.83 -7.52 -39.43
C THR B 90 1.55 -8.33 -40.54
N TYR B 91 2.57 -9.14 -40.18
CA TYR B 91 3.32 -10.05 -41.06
C TYR B 91 3.95 -9.33 -42.27
N SER B 92 4.38 -8.09 -42.07
CA SER B 92 4.76 -7.22 -43.18
C SER B 92 6.26 -7.30 -43.48
N SER B 93 7.09 -6.92 -42.51
CA SER B 93 8.53 -6.85 -42.73
C SER B 93 9.24 -8.15 -42.39
N ASN B 94 8.64 -8.96 -41.48
CA ASN B 94 9.08 -10.27 -41.00
C ASN B 94 10.40 -10.29 -40.24
N ARG B 95 11.02 -9.12 -40.02
CA ARG B 95 12.17 -9.05 -39.12
C ARG B 95 11.72 -9.18 -37.67
N ASP B 96 10.63 -8.51 -37.31
CA ASP B 96 10.08 -8.68 -35.97
C ASP B 96 9.37 -10.01 -35.82
N MET B 97 8.90 -10.59 -36.92
CA MET B 97 8.39 -11.97 -36.88
C MET B 97 9.52 -12.95 -36.64
N LYS B 98 10.70 -12.69 -37.20
CA LYS B 98 11.89 -13.48 -36.89
C LYS B 98 12.33 -13.29 -35.45
N PHE B 99 12.16 -12.08 -34.90
CA PHE B 99 12.43 -11.84 -33.49
C PHE B 99 11.47 -12.61 -32.60
N LEU B 100 10.19 -12.69 -33.00
CA LEU B 100 9.21 -13.50 -32.30
C LEU B 100 9.54 -14.98 -32.37
N LYS B 101 10.01 -15.44 -33.53
CA LYS B 101 10.36 -16.85 -33.68
C LYS B 101 11.61 -17.21 -32.88
N ASP B 102 12.59 -16.31 -32.82
CA ASP B 102 13.76 -16.55 -32.00
C ASP B 102 13.45 -16.48 -30.51
N LYS B 103 12.52 -15.59 -30.11
CA LYS B 103 12.10 -15.52 -28.72
C LYS B 103 11.34 -16.78 -28.30
N LEU B 104 10.44 -17.28 -29.14
CA LEU B 104 9.74 -18.52 -28.80
C LEU B 104 10.65 -19.73 -28.90
N ASP B 105 11.70 -19.67 -29.73
CA ASP B 105 12.71 -20.72 -29.75
C ASP B 105 13.52 -20.75 -28.46
N GLN B 106 13.89 -19.58 -27.93
CA GLN B 106 14.66 -19.59 -26.68
C GLN B 106 13.78 -19.89 -25.47
N ILE B 107 12.48 -19.58 -25.52
CA ILE B 107 11.59 -20.00 -24.44
C ILE B 107 11.34 -21.51 -24.52
N ARG B 108 11.27 -22.07 -25.73
CA ARG B 108 11.21 -23.52 -25.89
C ARG B 108 12.50 -24.20 -25.45
N ASN B 109 13.64 -23.53 -25.61
CA ASN B 109 14.89 -24.04 -25.07
C ASN B 109 14.93 -23.94 -23.55
N PHE B 110 14.20 -22.97 -22.97
CA PHE B 110 14.14 -22.88 -21.52
C PHE B 110 13.28 -23.97 -20.89
N GLY B 111 12.39 -24.59 -21.66
CA GLY B 111 11.69 -25.75 -21.15
C GLY B 111 10.21 -25.83 -21.46
N CYS B 112 9.55 -24.67 -21.52
CA CYS B 112 8.10 -24.68 -21.70
C CYS B 112 7.74 -24.80 -23.17
N ASN B 113 6.55 -25.33 -23.43
CA ASN B 113 6.03 -25.49 -24.78
C ASN B 113 4.68 -24.83 -24.99
N SER B 114 4.05 -24.29 -23.96
CA SER B 114 2.76 -23.62 -24.06
C SER B 114 2.97 -22.12 -24.05
N PHE B 115 2.20 -21.41 -24.88
CA PHE B 115 2.40 -19.99 -25.10
C PHE B 115 1.07 -19.27 -25.10
N ALA B 116 1.15 -17.93 -25.12
CA ALA B 116 -0.05 -17.08 -25.09
C ALA B 116 0.31 -15.77 -25.78
N ILE B 117 -0.08 -15.64 -27.03
CA ILE B 117 0.18 -14.41 -27.78
C ILE B 117 -0.86 -13.36 -27.38
N PHE B 118 -0.37 -12.19 -26.96
CA PHE B 118 -1.21 -11.10 -26.47
C PHE B 118 -1.02 -9.91 -27.39
N PHE B 119 -2.11 -9.22 -27.73
CA PHE B 119 -1.98 -8.02 -28.54
C PHE B 119 -2.35 -6.77 -27.75
N ASP B 120 -3.48 -6.81 -27.05
CA ASP B 120 -3.83 -5.80 -26.06
C ASP B 120 -4.04 -6.54 -24.75
N ASP B 121 -3.17 -6.28 -23.77
CA ASP B 121 -3.20 -7.03 -22.53
C ASP B 121 -4.34 -6.57 -21.64
N ILE B 122 -5.04 -7.52 -21.04
CA ILE B 122 -6.19 -7.24 -20.19
C ILE B 122 -5.69 -6.67 -18.86
N ASP B 123 -6.20 -5.52 -18.48
CA ASP B 123 -5.81 -4.86 -17.23
C ASP B 123 -7.03 -4.39 -16.44
N PHE B 134 -7.94 -0.61 -32.44
CA PHE B 134 -8.55 0.31 -33.40
C PHE B 134 -9.24 -0.46 -34.53
N GLU B 135 -8.79 -0.24 -35.77
CA GLU B 135 -9.40 -0.84 -36.94
C GLU B 135 -8.31 -1.44 -37.82
N SER B 136 -8.75 -2.30 -38.75
CA SER B 136 -7.95 -2.94 -39.81
C SER B 136 -6.77 -3.75 -39.28
N PHE B 137 -6.93 -4.33 -38.08
CA PHE B 137 -5.91 -5.16 -37.49
C PHE B 137 -6.34 -6.61 -37.35
N ALA B 138 -7.58 -6.93 -37.73
CA ALA B 138 -8.18 -8.22 -37.38
C ALA B 138 -7.59 -9.36 -38.20
N ALA B 139 -7.62 -9.24 -39.53
CA ALA B 139 -7.12 -10.31 -40.39
C ALA B 139 -5.60 -10.39 -40.35
N ALA B 140 -4.93 -9.27 -40.09
CA ALA B 140 -3.48 -9.28 -39.95
C ALA B 140 -3.04 -10.00 -38.69
N GLN B 141 -3.74 -9.76 -37.57
CA GLN B 141 -3.41 -10.45 -36.32
C GLN B 141 -3.80 -11.92 -36.38
N VAL B 142 -4.86 -12.26 -37.10
CA VAL B 142 -5.24 -13.66 -37.32
C VAL B 142 -4.17 -14.39 -38.14
N GLU B 143 -3.64 -13.73 -39.18
CA GLU B 143 -2.57 -14.29 -39.98
C GLU B 143 -1.27 -14.45 -39.19
N VAL B 144 -0.96 -13.47 -38.33
CA VAL B 144 0.24 -13.52 -37.49
C VAL B 144 0.15 -14.67 -36.47
N THR B 145 -1.02 -14.81 -35.82
CA THR B 145 -1.23 -15.86 -34.82
C THR B 145 -1.24 -17.24 -35.48
N ASN B 146 -1.84 -17.37 -36.67
CA ASN B 146 -1.85 -18.65 -37.36
C ASN B 146 -0.49 -19.02 -37.90
N GLU B 147 0.32 -18.04 -38.33
CA GLU B 147 1.67 -18.35 -38.79
C GLU B 147 2.58 -18.72 -37.63
N ILE B 148 2.40 -18.10 -36.46
CA ILE B 148 3.18 -18.46 -35.28
C ILE B 148 2.79 -19.85 -34.78
N TYR B 149 1.47 -20.14 -34.77
CA TYR B 149 0.98 -21.44 -34.34
C TYR B 149 1.35 -22.55 -35.32
N LYS B 150 1.46 -22.23 -36.61
CA LYS B 150 1.95 -23.20 -37.57
C LYS B 150 3.47 -23.36 -37.48
N TYR B 151 4.18 -22.31 -37.06
CA TYR B 151 5.62 -22.39 -36.87
C TYR B 151 5.97 -23.29 -35.69
N LEU B 152 5.14 -23.28 -34.64
CA LEU B 152 5.36 -24.14 -33.49
C LEU B 152 4.70 -25.51 -33.65
N GLY B 153 4.31 -25.87 -34.86
CA GLY B 153 3.69 -27.16 -35.12
C GLY B 153 2.27 -27.22 -34.60
N MET B 154 2.06 -27.97 -33.52
CA MET B 154 0.77 -28.02 -32.85
C MET B 154 1.01 -28.10 -31.34
N PRO B 155 1.15 -26.96 -30.67
CA PRO B 155 1.16 -26.97 -29.21
C PRO B 155 -0.21 -27.35 -28.66
N ALA B 156 -0.19 -28.02 -27.51
CA ALA B 156 -1.43 -28.51 -26.92
C ALA B 156 -2.25 -27.39 -26.29
N ASN B 157 -1.58 -26.37 -25.74
CA ASN B 157 -2.26 -25.27 -25.04
C ASN B 157 -1.67 -23.96 -25.55
N PHE B 158 -2.27 -23.43 -26.62
CA PHE B 158 -1.86 -22.16 -27.20
C PHE B 158 -2.99 -21.16 -27.04
N LEU B 159 -2.70 -20.04 -26.39
CA LEU B 159 -3.71 -19.05 -26.06
C LEU B 159 -3.51 -17.80 -26.89
N PHE B 160 -4.57 -17.00 -26.98
CA PHE B 160 -4.57 -15.78 -27.80
C PHE B 160 -5.50 -14.79 -27.13
N CYS B 161 -5.00 -13.62 -26.77
CA CYS B 161 -5.83 -12.61 -26.14
C CYS B 161 -6.21 -11.56 -27.17
N PRO B 162 -7.50 -11.37 -27.45
CA PRO B 162 -7.91 -10.35 -28.44
C PRO B 162 -7.83 -8.95 -27.86
N THR B 163 -7.96 -7.97 -28.76
CA THR B 163 -7.98 -6.58 -28.33
C THR B 163 -9.29 -6.21 -27.67
N GLU B 164 -10.40 -6.76 -28.14
CA GLU B 164 -11.71 -6.53 -27.54
C GLU B 164 -12.04 -7.73 -26.67
N TYR B 165 -11.50 -7.71 -25.46
CA TYR B 165 -11.59 -8.83 -24.53
C TYR B 165 -12.82 -8.76 -23.63
N CYS B 166 -13.65 -7.73 -23.76
CA CYS B 166 -14.85 -7.64 -22.96
C CYS B 166 -15.94 -6.94 -23.77
N ALA B 167 -17.18 -7.10 -23.31
CA ALA B 167 -18.33 -6.53 -24.01
C ALA B 167 -18.38 -5.01 -23.92
N ALA B 168 -17.74 -4.42 -22.91
CA ALA B 168 -17.62 -2.98 -22.84
C ALA B 168 -16.61 -2.41 -23.81
N ARG B 169 -15.70 -3.23 -24.32
CA ARG B 169 -14.70 -2.77 -25.27
C ARG B 169 -15.11 -2.99 -26.73
N ALA B 170 -16.10 -3.84 -26.97
CA ALA B 170 -16.64 -3.99 -28.32
C ALA B 170 -17.48 -2.77 -28.67
N ASP B 171 -16.99 -1.97 -29.62
CA ASP B 171 -17.64 -0.70 -29.91
C ASP B 171 -18.90 -0.83 -30.78
N PRO B 172 -18.96 -1.64 -31.89
CA PRO B 172 -20.28 -1.88 -32.50
C PRO B 172 -21.04 -2.96 -31.74
N ASN B 173 -21.99 -2.53 -30.91
CA ASN B 173 -22.92 -3.33 -30.11
C ASN B 173 -22.15 -4.25 -29.16
N VAL B 174 -22.73 -5.38 -28.79
CA VAL B 174 -22.03 -6.40 -28.02
C VAL B 174 -22.07 -7.77 -28.68
N LYS B 175 -23.05 -8.05 -29.54
CA LYS B 175 -23.14 -9.34 -30.20
C LYS B 175 -22.12 -9.46 -31.32
N GLU B 176 -22.22 -8.61 -32.33
CA GLU B 176 -21.37 -8.68 -33.52
C GLU B 176 -20.65 -7.35 -33.70
N SER B 177 -19.43 -7.27 -33.18
CA SER B 177 -18.56 -6.13 -33.43
C SER B 177 -17.66 -6.36 -34.63
N LYS B 178 -17.76 -7.56 -35.24
CA LYS B 178 -17.11 -8.09 -36.45
C LYS B 178 -15.64 -8.42 -36.28
N TYR B 179 -14.97 -7.84 -35.27
CA TYR B 179 -13.62 -8.26 -34.92
C TYR B 179 -13.63 -9.63 -34.27
N LEU B 180 -14.63 -9.87 -33.41
CA LEU B 180 -14.81 -11.18 -32.80
C LEU B 180 -15.23 -12.22 -33.83
N VAL B 181 -16.01 -11.82 -34.84
CA VAL B 181 -16.38 -12.79 -35.87
C VAL B 181 -15.21 -13.05 -36.82
N THR B 182 -14.30 -12.09 -37.00
CA THR B 182 -13.12 -12.34 -37.83
C THR B 182 -12.13 -13.24 -37.11
N VAL B 183 -11.89 -13.01 -35.82
CA VAL B 183 -11.01 -13.91 -35.07
C VAL B 183 -11.70 -15.22 -34.69
N GLY B 184 -13.02 -15.32 -34.87
CA GLY B 184 -13.69 -16.60 -34.71
C GLY B 184 -13.66 -17.45 -35.95
N THR B 185 -13.79 -16.83 -37.13
CA THR B 185 -13.77 -17.63 -38.36
C THR B 185 -12.38 -17.86 -38.90
N GLY B 186 -11.49 -16.87 -38.82
CA GLY B 186 -10.21 -16.96 -39.49
C GLY B 186 -9.16 -17.75 -38.75
N LEU B 187 -9.24 -17.82 -37.43
CA LEU B 187 -8.22 -18.50 -36.66
C LEU B 187 -8.39 -20.01 -36.72
N HIS B 188 -7.33 -20.72 -36.32
CA HIS B 188 -7.38 -22.17 -36.23
C HIS B 188 -8.25 -22.58 -35.05
N SER B 189 -8.92 -23.72 -35.19
CA SER B 189 -9.93 -24.15 -34.23
C SER B 189 -9.34 -24.67 -32.92
N ASP B 190 -8.03 -24.90 -32.84
CA ASP B 190 -7.41 -25.40 -31.63
C ASP B 190 -6.75 -24.30 -30.81
N ILE B 191 -6.97 -23.04 -31.17
CA ILE B 191 -6.45 -21.90 -30.42
C ILE B 191 -7.57 -21.38 -29.54
N HIS B 192 -7.25 -21.10 -28.28
CA HIS B 192 -8.22 -20.55 -27.35
C HIS B 192 -8.19 -19.03 -27.39
N ILE B 193 -9.35 -18.42 -27.13
CA ILE B 193 -9.50 -16.97 -27.11
C ILE B 193 -9.78 -16.54 -25.69
N MET B 194 -9.03 -15.55 -25.21
CA MET B 194 -9.25 -15.04 -23.87
C MET B 194 -10.47 -14.12 -23.84
N TRP B 195 -11.06 -14.01 -22.66
CA TRP B 195 -12.25 -13.20 -22.46
C TRP B 195 -12.27 -12.78 -20.99
N THR B 196 -13.02 -11.73 -20.69
CA THR B 196 -13.13 -11.25 -19.32
C THR B 196 -14.56 -11.25 -18.82
N GLY B 197 -15.53 -10.95 -19.68
CA GLY B 197 -16.91 -10.89 -19.29
C GLY B 197 -17.60 -9.68 -19.92
N PRO B 198 -18.68 -9.21 -19.29
CA PRO B 198 -19.29 -7.97 -19.77
C PRO B 198 -18.46 -6.73 -19.46
N LYS B 199 -17.63 -6.78 -18.42
CA LYS B 199 -16.79 -5.65 -18.05
C LYS B 199 -15.34 -6.12 -17.92
N VAL B 200 -14.43 -5.16 -18.03
CA VAL B 200 -13.02 -5.43 -17.75
C VAL B 200 -12.82 -5.67 -16.25
N VAL B 201 -13.50 -4.87 -15.41
CA VAL B 201 -13.49 -5.06 -13.96
C VAL B 201 -14.22 -6.36 -13.59
N SER B 202 -15.25 -6.72 -14.37
CA SER B 202 -15.89 -8.04 -14.43
C SER B 202 -16.53 -8.44 -13.10
N ASN B 203 -17.64 -7.78 -12.79
CA ASN B 203 -18.49 -8.18 -11.69
C ASN B 203 -19.84 -8.63 -12.24
N LYS B 204 -20.37 -9.70 -11.63
CA LYS B 204 -21.68 -10.31 -11.90
C LYS B 204 -21.80 -10.74 -13.37
N ILE B 205 -20.99 -11.71 -13.74
CA ILE B 205 -21.00 -12.25 -15.09
C ILE B 205 -22.01 -13.39 -15.15
N SER B 206 -22.42 -13.73 -16.36
CA SER B 206 -23.50 -14.69 -16.56
C SER B 206 -23.15 -15.61 -17.73
N VAL B 207 -23.91 -16.70 -17.84
CA VAL B 207 -23.66 -17.67 -18.90
C VAL B 207 -24.25 -17.26 -20.24
N GLU B 208 -25.08 -16.21 -20.27
CA GLU B 208 -25.68 -15.81 -21.54
C GLU B 208 -24.71 -15.07 -22.43
N SER B 209 -23.85 -14.23 -21.83
CA SER B 209 -22.80 -13.55 -22.59
C SER B 209 -21.76 -14.55 -23.09
N ILE B 210 -21.49 -15.58 -22.30
CA ILE B 210 -20.57 -16.63 -22.72
C ILE B 210 -21.21 -17.50 -23.79
N LEU B 211 -22.54 -17.66 -23.75
CA LEU B 211 -23.23 -18.43 -24.79
C LEU B 211 -23.26 -17.69 -26.12
N GLU B 212 -23.51 -16.37 -26.10
CA GLU B 212 -23.46 -15.62 -27.35
C GLU B 212 -22.03 -15.45 -27.85
N LEU B 213 -21.05 -15.44 -26.94
CA LEU B 213 -19.65 -15.44 -27.37
C LEU B 213 -19.25 -16.79 -27.95
N GLN B 214 -19.83 -17.89 -27.46
CA GLN B 214 -19.60 -19.19 -28.06
C GLN B 214 -20.28 -19.30 -29.42
N THR B 215 -21.40 -18.60 -29.59
CA THR B 215 -22.04 -18.51 -30.91
C THR B 215 -21.17 -17.72 -31.89
N VAL B 216 -20.59 -16.62 -31.44
CA VAL B 216 -19.81 -15.75 -32.33
C VAL B 216 -18.45 -16.39 -32.64
N LEU B 217 -17.72 -16.80 -31.60
CA LEU B 217 -16.35 -17.25 -31.74
C LEU B 217 -16.21 -18.68 -32.23
N ARG B 218 -17.34 -19.41 -32.35
CA ARG B 218 -17.51 -20.85 -32.63
C ARG B 218 -16.53 -21.78 -31.93
N ARG B 219 -16.17 -21.44 -30.69
CA ARG B 219 -15.31 -22.24 -29.84
C ARG B 219 -15.51 -21.77 -28.41
N LYS B 220 -15.17 -22.64 -27.46
CA LYS B 220 -15.27 -22.26 -26.06
C LYS B 220 -14.09 -21.36 -25.69
N PRO B 221 -14.35 -20.19 -25.12
CA PRO B 221 -13.26 -19.29 -24.73
C PRO B 221 -12.67 -19.71 -23.39
N VAL B 222 -11.74 -18.88 -22.89
CA VAL B 222 -11.11 -19.07 -21.60
C VAL B 222 -11.20 -17.74 -20.86
N ILE B 223 -11.86 -17.73 -19.70
CA ILE B 223 -12.13 -16.49 -18.98
C ILE B 223 -10.96 -16.18 -18.06
N TRP B 224 -10.11 -15.26 -18.49
CA TRP B 224 -9.34 -14.43 -17.58
C TRP B 224 -10.33 -13.70 -16.68
N ASP B 225 -10.29 -13.99 -15.38
CA ASP B 225 -11.18 -13.34 -14.44
C ASP B 225 -10.42 -12.26 -13.67
N ASN B 226 -11.15 -11.23 -13.23
CA ASN B 226 -10.56 -10.15 -12.47
C ASN B 226 -11.37 -9.84 -11.22
N ILE B 227 -12.01 -10.86 -10.65
CA ILE B 227 -12.85 -10.62 -9.47
C ILE B 227 -12.03 -10.48 -8.20
N HIS B 228 -10.75 -10.86 -8.23
CA HIS B 228 -9.87 -10.68 -7.08
C HIS B 228 -8.72 -9.73 -7.38
N ALA B 229 -8.76 -9.04 -8.52
CA ALA B 229 -7.68 -8.11 -8.85
C ALA B 229 -7.83 -6.83 -8.04
N ASN B 230 -6.70 -6.22 -7.72
CA ASN B 230 -6.74 -5.05 -6.86
C ASN B 230 -5.75 -3.96 -7.25
N ASP B 231 -5.14 -4.02 -8.42
CA ASP B 231 -4.18 -3.00 -8.84
C ASP B 231 -4.84 -1.71 -9.33
N TYR B 232 -6.15 -1.71 -9.53
CA TYR B 232 -6.84 -0.60 -10.16
C TYR B 232 -7.51 0.34 -9.17
N GLU B 233 -7.40 0.08 -7.87
CA GLU B 233 -8.02 0.94 -6.87
C GLU B 233 -7.08 1.15 -5.69
N GLN B 234 -7.30 2.23 -4.96
CA GLN B 234 -6.47 2.56 -3.81
C GLN B 234 -6.97 1.85 -2.57
N GLY B 235 -6.15 0.94 -2.04
CA GLY B 235 -6.51 0.26 -0.81
C GLY B 235 -7.55 -0.82 -0.95
N ARG B 236 -7.88 -1.22 -2.17
CA ARG B 236 -8.79 -2.35 -2.36
C ARG B 236 -8.05 -3.64 -2.05
N LEU B 237 -8.66 -4.48 -1.21
CA LEU B 237 -8.16 -5.82 -0.97
C LEU B 237 -9.30 -6.79 -1.15
N ASN B 238 -9.09 -7.82 -1.95
CA ASN B 238 -10.14 -8.80 -2.26
C ASN B 238 -9.76 -10.11 -1.60
N LEU B 239 -10.10 -10.23 -0.32
CA LEU B 239 -9.97 -11.47 0.42
C LEU B 239 -11.27 -12.26 0.44
N GLY B 240 -12.23 -11.89 -0.38
CA GLY B 240 -13.50 -12.58 -0.40
C GLY B 240 -13.43 -13.88 -1.16
N PRO B 241 -14.48 -14.68 -1.05
CA PRO B 241 -14.53 -15.96 -1.76
C PRO B 241 -14.84 -15.76 -3.23
N TYR B 242 -14.88 -16.89 -3.95
CA TYR B 242 -15.24 -16.88 -5.36
C TYR B 242 -16.75 -16.96 -5.48
N ASP B 243 -17.37 -15.84 -5.84
CA ASP B 243 -18.83 -15.74 -5.84
C ASP B 243 -19.30 -15.17 -7.18
N CYS B 244 -20.61 -15.29 -7.41
CA CYS B 244 -21.33 -14.79 -8.59
C CYS B 244 -20.80 -15.38 -9.89
N ARG B 245 -20.43 -16.65 -9.85
CA ARG B 245 -20.12 -17.42 -11.04
C ARG B 245 -20.73 -18.82 -10.88
N PRO B 246 -21.65 -19.20 -11.75
CA PRO B 246 -22.27 -20.54 -11.63
C PRO B 246 -21.34 -21.63 -12.14
N ALA B 247 -21.75 -22.86 -11.88
CA ALA B 247 -20.99 -24.04 -12.30
C ALA B 247 -21.10 -24.30 -13.80
N GLU B 248 -22.21 -23.90 -14.42
CA GLU B 248 -22.36 -24.05 -15.86
C GLU B 248 -21.47 -23.10 -16.63
N LEU B 249 -21.07 -21.98 -16.00
CA LEU B 249 -20.03 -21.12 -16.58
C LEU B 249 -18.70 -21.85 -16.66
N MET B 250 -18.38 -22.68 -15.66
CA MET B 250 -17.21 -23.54 -15.75
C MET B 250 -17.40 -24.64 -16.78
N GLU B 251 -18.65 -25.08 -16.98
CA GLU B 251 -18.93 -26.16 -17.92
C GLU B 251 -18.74 -25.73 -19.37
N SER B 252 -19.16 -24.52 -19.72
CA SER B 252 -19.10 -24.07 -21.11
C SER B 252 -17.83 -23.28 -21.42
N LEU B 253 -16.66 -23.83 -21.08
CA LEU B 253 -15.39 -23.17 -21.38
C LEU B 253 -14.33 -24.20 -21.72
N ASN B 254 -13.17 -23.69 -22.13
CA ASN B 254 -11.95 -24.47 -22.27
C ASN B 254 -10.93 -24.14 -21.18
N GLY B 255 -11.40 -23.76 -20.01
CA GLY B 255 -10.51 -23.35 -18.93
C GLY B 255 -10.88 -21.99 -18.40
N ILE B 256 -10.47 -21.66 -17.18
CA ILE B 256 -10.73 -20.35 -16.62
C ILE B 256 -9.59 -19.96 -15.67
N PHE B 257 -8.94 -18.85 -15.97
CA PHE B 257 -7.90 -18.30 -15.12
C PHE B 257 -8.48 -17.27 -14.17
N THR B 258 -7.67 -16.85 -13.20
CA THR B 258 -8.05 -15.82 -12.26
C THR B 258 -6.84 -14.92 -11.99
N ASN B 259 -7.10 -13.64 -11.78
CA ASN B 259 -6.05 -12.69 -11.48
C ASN B 259 -6.11 -12.33 -10.01
N PRO B 260 -5.20 -12.83 -9.19
CA PRO B 260 -5.29 -12.59 -7.75
C PRO B 260 -4.70 -11.24 -7.35
N ASN B 261 -4.57 -11.01 -6.04
CA ASN B 261 -4.06 -9.75 -5.53
C ASN B 261 -2.55 -9.63 -5.79
N CYS B 262 -2.05 -8.39 -5.63
CA CYS B 262 -0.65 -8.12 -5.89
C CYS B 262 0.26 -8.70 -4.80
N GLU B 263 -0.28 -8.88 -3.59
CA GLU B 263 0.47 -9.46 -2.50
C GLU B 263 0.13 -10.95 -2.43
N PHE B 264 1.16 -11.79 -2.39
CA PHE B 264 0.98 -13.22 -2.60
C PHE B 264 0.36 -13.92 -1.39
N GLU B 265 0.80 -13.57 -0.18
CA GLU B 265 0.39 -14.30 1.02
C GLU B 265 -1.05 -14.03 1.42
N LEU B 266 -1.67 -12.97 0.90
CA LEU B 266 -3.08 -12.69 1.13
C LEU B 266 -3.99 -13.51 0.24
N ASN B 267 -3.43 -14.21 -0.74
CA ASN B 267 -4.22 -14.93 -1.74
C ASN B 267 -4.42 -16.39 -1.37
N TYR B 268 -4.53 -16.71 -0.09
CA TYR B 268 -4.87 -18.09 0.27
C TYR B 268 -6.34 -18.35 0.05
N VAL B 269 -7.19 -17.50 0.61
CA VAL B 269 -8.65 -17.76 0.57
C VAL B 269 -9.29 -17.60 -0.81
N PRO B 270 -8.99 -16.57 -1.64
CA PRO B 270 -9.60 -16.58 -2.99
C PRO B 270 -9.13 -17.69 -3.91
N ILE B 271 -7.86 -18.07 -3.85
CA ILE B 271 -7.40 -19.18 -4.68
C ILE B 271 -7.92 -20.52 -4.15
N ARG B 272 -8.16 -20.63 -2.84
CA ARG B 272 -8.74 -21.86 -2.30
C ARG B 272 -10.23 -21.97 -2.63
N THR B 273 -10.95 -20.85 -2.62
CA THR B 273 -12.36 -20.90 -3.02
C THR B 273 -12.51 -21.11 -4.52
N PHE B 274 -11.57 -20.57 -5.32
CA PHE B 274 -11.55 -20.87 -6.75
C PHE B 274 -11.18 -22.32 -7.01
N SER B 275 -10.29 -22.88 -6.18
CA SER B 275 -9.93 -24.29 -6.30
C SER B 275 -11.09 -25.19 -5.90
N LEU B 276 -11.89 -24.77 -4.92
CA LEU B 276 -13.14 -25.47 -4.62
C LEU B 276 -14.09 -25.38 -5.81
N TRP B 277 -14.21 -24.18 -6.38
CA TRP B 277 -15.12 -23.89 -7.49
C TRP B 277 -14.75 -24.65 -8.77
N CYS B 278 -13.48 -25.01 -8.95
CA CYS B 278 -13.08 -25.84 -10.07
C CYS B 278 -13.10 -27.33 -9.73
N GLN B 279 -12.32 -27.74 -8.74
CA GLN B 279 -12.01 -29.16 -8.52
C GLN B 279 -13.19 -29.91 -7.90
N SER B 280 -14.00 -29.28 -7.05
CA SER B 280 -15.19 -29.98 -6.59
C SER B 280 -16.26 -30.03 -7.67
N LYS B 281 -16.23 -29.10 -8.63
CA LYS B 281 -17.17 -29.09 -9.73
C LYS B 281 -16.74 -29.99 -10.88
N ARG B 282 -15.54 -30.56 -10.81
CA ARG B 282 -15.19 -31.63 -11.75
C ARG B 282 -15.97 -32.91 -11.46
N THR B 283 -16.42 -33.09 -10.22
CA THR B 283 -17.18 -34.27 -9.83
C THR B 283 -18.68 -33.98 -9.67
N ARG B 284 -19.04 -32.86 -9.04
CA ARG B 284 -20.45 -32.53 -8.83
C ARG B 284 -20.61 -31.02 -8.82
N PHE B 285 -21.61 -30.51 -9.55
CA PHE B 285 -21.74 -29.10 -9.84
C PHE B 285 -22.39 -28.28 -8.72
N ASN B 286 -22.41 -28.75 -7.47
CA ASN B 286 -22.93 -27.98 -6.36
C ASN B 286 -21.81 -27.20 -5.68
N TYR B 287 -22.12 -25.98 -5.25
CA TYR B 287 -21.11 -25.08 -4.71
C TYR B 287 -21.72 -24.24 -3.61
N ASP B 288 -21.18 -24.34 -2.41
CA ASP B 288 -21.58 -23.48 -1.30
C ASP B 288 -20.49 -22.46 -1.09
N VAL B 289 -20.87 -21.18 -1.10
CA VAL B 289 -19.90 -20.11 -0.97
C VAL B 289 -19.43 -19.99 0.49
N GLU B 290 -20.37 -20.14 1.43
CA GLU B 290 -20.02 -19.96 2.84
C GLU B 290 -19.26 -21.15 3.40
N LYS B 291 -19.55 -22.36 2.93
CA LYS B 291 -18.82 -23.54 3.39
C LYS B 291 -17.39 -23.54 2.86
N ALA B 292 -17.20 -23.15 1.60
CA ALA B 292 -15.87 -23.00 1.06
C ALA B 292 -15.12 -21.84 1.68
N LEU B 293 -15.85 -20.78 2.07
CA LEU B 293 -15.23 -19.64 2.74
C LEU B 293 -14.76 -20.01 4.14
N GLU B 294 -15.57 -20.78 4.88
CA GLU B 294 -15.14 -21.16 6.23
C GLU B 294 -14.07 -22.26 6.20
N GLN B 295 -14.07 -23.13 5.18
CA GLN B 295 -12.99 -24.09 5.03
C GLN B 295 -11.68 -23.40 4.67
N SER B 296 -11.74 -22.42 3.76
CA SER B 296 -10.54 -21.66 3.41
C SER B 296 -10.07 -20.78 4.55
N ILE B 297 -10.97 -20.30 5.39
CA ILE B 297 -10.52 -19.46 6.50
C ILE B 297 -9.97 -20.32 7.64
N ARG B 298 -10.43 -21.58 7.77
CA ARG B 298 -9.83 -22.49 8.75
C ARG B 298 -8.44 -22.93 8.31
N GLU B 299 -8.27 -23.22 7.02
CA GLU B 299 -6.94 -23.51 6.49
C GLU B 299 -6.04 -22.28 6.50
N TRP B 300 -6.62 -21.08 6.41
CA TRP B 300 -5.79 -19.90 6.53
C TRP B 300 -5.38 -19.60 7.97
N THR B 301 -6.19 -19.98 8.97
CA THR B 301 -5.67 -19.88 10.34
C THR B 301 -4.60 -20.93 10.61
N GLU B 302 -4.73 -22.11 10.02
CA GLU B 302 -3.68 -23.13 10.14
C GLU B 302 -2.39 -22.69 9.45
N GLU B 303 -2.49 -21.91 8.37
CA GLU B 303 -1.30 -21.30 7.78
C GLU B 303 -0.85 -20.05 8.52
N PHE B 304 -1.77 -19.38 9.23
CA PHE B 304 -1.45 -18.19 10.02
C PHE B 304 -0.57 -18.51 11.21
N CYS B 305 -0.70 -19.71 11.78
CA CYS B 305 0.10 -20.08 12.94
C CYS B 305 1.54 -20.45 12.60
N ILE B 306 1.91 -20.54 11.33
CA ILE B 306 3.27 -20.92 10.93
C ILE B 306 4.19 -19.72 11.17
N PRO B 307 5.38 -19.94 11.76
CA PRO B 307 6.31 -18.82 12.04
C PRO B 307 7.28 -18.55 10.90
N ARG B 308 6.75 -18.23 9.73
CA ARG B 308 7.60 -17.91 8.59
C ARG B 308 8.04 -16.46 8.65
N LEU B 309 9.35 -16.23 8.63
CA LEU B 309 9.89 -14.87 8.66
C LEU B 309 9.95 -14.27 7.26
N LEU B 352 -4.87 -15.50 17.62
CA LEU B 352 -5.82 -15.24 16.55
C LEU B 352 -6.74 -16.42 16.33
N THR B 353 -7.99 -16.28 16.74
CA THR B 353 -9.00 -17.31 16.52
C THR B 353 -9.65 -17.09 15.15
N VAL B 354 -10.59 -17.97 14.80
CA VAL B 354 -11.17 -17.96 13.45
C VAL B 354 -12.17 -16.81 13.30
N LYS B 355 -12.66 -16.27 14.43
CA LYS B 355 -13.69 -15.24 14.38
C LYS B 355 -13.12 -13.90 13.91
N ASP B 356 -11.91 -13.54 14.37
CA ASP B 356 -11.35 -12.26 13.98
C ASP B 356 -10.82 -12.29 12.55
N ILE B 357 -10.35 -13.45 12.09
CA ILE B 357 -9.93 -13.54 10.69
C ILE B 357 -11.15 -13.66 9.79
N ARG B 358 -12.27 -14.16 10.32
CA ARG B 358 -13.56 -14.08 9.62
C ARG B 358 -14.01 -12.64 9.48
N LEU B 359 -13.77 -11.84 10.53
CA LEU B 359 -14.06 -10.40 10.48
C LEU B 359 -13.17 -9.68 9.47
N LEU B 360 -11.91 -10.10 9.35
CA LEU B 360 -11.01 -9.49 8.37
C LEU B 360 -11.40 -9.85 6.94
N VAL B 361 -11.82 -11.11 6.71
CA VAL B 361 -12.24 -11.53 5.38
C VAL B 361 -13.58 -10.88 5.02
N GLU B 362 -14.47 -10.74 6.01
CA GLU B 362 -15.79 -10.15 5.75
C GLU B 362 -15.71 -8.64 5.62
N LEU B 363 -14.60 -8.04 6.05
CA LEU B 363 -14.43 -6.61 5.82
C LEU B 363 -13.96 -6.34 4.40
N PHE B 364 -12.79 -6.86 4.03
CA PHE B 364 -12.23 -6.64 2.69
C PHE B 364 -12.74 -7.73 1.74
N TYR B 365 -13.99 -7.54 1.33
CA TYR B 365 -14.69 -8.51 0.48
C TYR B 365 -14.45 -8.20 -0.99
N LEU B 366 -15.30 -8.75 -1.85
CA LEU B 366 -15.28 -8.54 -3.29
C LEU B 366 -15.65 -7.11 -3.65
N PRO B 367 -15.29 -6.64 -4.85
CA PRO B 367 -15.79 -5.32 -5.28
C PRO B 367 -17.28 -5.30 -5.60
N GLN B 368 -17.88 -6.45 -5.91
CA GLN B 368 -19.29 -6.47 -6.25
C GLN B 368 -20.17 -6.37 -5.00
N LYS B 369 -19.70 -6.88 -3.87
CA LYS B 369 -20.50 -6.91 -2.66
C LYS B 369 -19.59 -6.94 -1.44
N HIS B 370 -20.02 -6.25 -0.38
CA HIS B 370 -19.33 -6.29 0.90
C HIS B 370 -19.81 -7.48 1.73
N GLY B 371 -19.17 -7.66 2.87
CA GLY B 371 -19.55 -8.75 3.75
C GLY B 371 -20.70 -8.38 4.66
N LYS B 372 -20.99 -9.27 5.61
CA LYS B 372 -22.08 -9.03 6.54
C LYS B 372 -21.73 -7.96 7.55
N THR B 373 -20.49 -8.02 8.09
CA THR B 373 -20.04 -7.05 9.08
C THR B 373 -19.84 -5.68 8.44
N ALA B 374 -19.38 -5.65 7.19
CA ALA B 374 -19.15 -4.39 6.50
C ALA B 374 -20.47 -3.69 6.15
N ASN B 375 -21.47 -4.47 5.76
CA ASN B 375 -22.79 -3.91 5.48
C ASN B 375 -23.47 -3.46 6.76
N ASP B 376 -23.23 -4.17 7.87
CA ASP B 376 -23.76 -3.76 9.16
C ASP B 376 -23.13 -2.45 9.62
N LEU B 377 -21.82 -2.29 9.38
CA LEU B 377 -21.14 -1.05 9.77
C LEU B 377 -21.57 0.12 8.89
N LEU B 378 -21.80 -0.13 7.60
CA LEU B 378 -22.27 0.94 6.72
C LEU B 378 -23.70 1.34 7.04
N ALA B 379 -24.53 0.37 7.42
CA ALA B 379 -25.91 0.67 7.80
C ALA B 379 -25.98 1.43 9.12
N GLN B 380 -25.12 1.06 10.08
CA GLN B 380 -25.08 1.77 11.36
C GLN B 380 -24.49 3.16 11.22
N ALA B 381 -23.52 3.33 10.31
CA ALA B 381 -22.95 4.64 10.04
C ALA B 381 -23.95 5.55 9.34
N LYS B 382 -24.75 4.97 8.44
CA LYS B 382 -25.81 5.73 7.77
C LYS B 382 -26.91 6.11 8.76
N TRP B 383 -27.22 5.22 9.71
CA TRP B 383 -28.24 5.52 10.71
C TRP B 383 -27.76 6.59 11.69
N LEU B 384 -26.48 6.57 12.05
CA LEU B 384 -25.97 7.59 12.95
C LEU B 384 -25.77 8.91 12.22
N LYS B 385 -25.55 8.86 10.90
CA LYS B 385 -25.39 10.08 10.13
C LYS B 385 -26.72 10.74 9.82
N SER B 386 -27.78 9.93 9.71
CA SER B 386 -29.06 10.46 9.21
C SER B 386 -29.82 11.20 10.31
N ASN B 387 -30.04 10.56 11.46
CA ASN B 387 -30.85 11.12 12.53
C ASN B 387 -30.00 11.70 13.66
N PHE B 388 -28.94 12.43 13.32
CA PHE B 388 -28.06 13.00 14.32
C PHE B 388 -28.63 14.28 14.95
N ARG B 389 -29.78 14.77 14.48
CA ARG B 389 -30.30 16.04 14.98
C ARG B 389 -30.94 15.89 16.36
N ILE B 390 -31.22 14.66 16.78
CA ILE B 390 -31.73 14.43 18.12
C ILE B 390 -30.62 14.38 19.17
N ALA B 391 -29.36 14.41 18.73
CA ALA B 391 -28.25 14.37 19.67
C ALA B 391 -28.07 15.70 20.38
N ALA B 392 -27.48 15.64 21.57
CA ALA B 392 -27.22 16.76 22.50
C ALA B 392 -28.51 17.53 22.85
N LEU B 393 -29.61 16.82 22.99
CA LEU B 393 -30.90 17.43 23.31
C LEU B 393 -31.57 16.70 24.46
N ASN B 410 -38.88 14.25 26.60
CA ASN B 410 -38.96 12.88 27.09
C ASN B 410 -38.61 11.89 25.99
N THR B 411 -39.37 11.96 24.89
CA THR B 411 -39.11 11.08 23.76
C THR B 411 -37.82 11.48 23.02
N ASP B 412 -37.54 12.78 22.98
CA ASP B 412 -36.30 13.27 22.39
C ASP B 412 -35.10 12.87 23.24
N TYR B 413 -35.26 12.84 24.57
CA TYR B 413 -34.17 12.48 25.46
C TYR B 413 -33.86 10.99 25.41
N ILE B 414 -34.89 10.15 25.33
CA ILE B 414 -34.63 8.71 25.17
C ILE B 414 -34.18 8.39 23.75
N ALA B 415 -34.54 9.23 22.77
CA ALA B 415 -34.02 9.05 21.43
C ALA B 415 -32.53 9.42 21.37
N ALA B 416 -32.14 10.43 22.14
CA ALA B 416 -30.72 10.78 22.26
C ALA B 416 -29.95 9.69 23.00
N LYS B 417 -30.61 9.04 23.97
CA LYS B 417 -29.97 7.92 24.66
C LYS B 417 -29.82 6.71 23.75
N GLU B 418 -30.80 6.48 22.86
CA GLU B 418 -30.69 5.42 21.86
C GLU B 418 -29.58 5.72 20.85
N TRP B 419 -29.44 6.99 20.48
CA TRP B 419 -28.37 7.44 19.61
C TRP B 419 -27.00 7.25 20.26
N ASP B 420 -26.91 7.53 21.56
CA ASP B 420 -25.67 7.31 22.30
C ASP B 420 -25.36 5.83 22.46
N LYS B 421 -26.40 4.99 22.54
CA LYS B 421 -26.21 3.55 22.58
C LYS B 421 -25.63 3.02 21.27
N ARG B 422 -26.16 3.51 20.14
CA ARG B 422 -25.61 3.12 18.83
C ARG B 422 -24.20 3.66 18.62
N PHE B 423 -23.92 4.86 19.14
CA PHE B 423 -22.58 5.43 18.99
C PHE B 423 -21.56 4.72 19.87
N SER B 424 -21.99 4.25 21.05
CA SER B 424 -21.08 3.48 21.90
C SER B 424 -20.85 2.08 21.33
N LYS B 425 -21.84 1.53 20.62
CA LYS B 425 -21.64 0.28 19.90
C LYS B 425 -20.63 0.45 18.76
N PHE B 426 -20.69 1.59 18.07
CA PHE B 426 -19.71 1.91 17.04
C PHE B 426 -18.29 2.09 17.60
N ARG B 427 -18.19 2.74 18.77
CA ARG B 427 -16.89 2.90 19.43
C ARG B 427 -16.34 1.57 19.91
N SER B 428 -17.22 0.65 20.33
CA SER B 428 -16.78 -0.69 20.72
C SER B 428 -16.31 -1.49 19.51
N ILE B 429 -16.90 -1.25 18.34
CA ILE B 429 -16.46 -1.94 17.13
C ILE B 429 -15.07 -1.44 16.69
N CYS B 430 -14.82 -0.13 16.83
CA CYS B 430 -13.49 0.39 16.49
C CYS B 430 -12.45 -0.05 17.52
N GLN B 431 -12.87 -0.21 18.78
CA GLN B 431 -11.95 -0.68 19.80
C GLN B 431 -11.57 -2.14 19.60
N ILE B 432 -12.54 -2.99 19.21
CA ILE B 432 -12.20 -4.40 19.02
C ILE B 432 -11.46 -4.61 17.71
N ILE B 433 -11.63 -3.71 16.73
CA ILE B 433 -10.83 -3.87 15.52
C ILE B 433 -9.41 -3.33 15.74
N HIS B 434 -9.22 -2.40 16.67
CA HIS B 434 -7.86 -1.99 17.03
C HIS B 434 -7.17 -3.07 17.86
N GLN B 435 -7.93 -3.76 18.72
CA GLN B 435 -7.37 -4.90 19.47
C GLN B 435 -7.05 -6.06 18.54
N PHE B 436 -7.84 -6.25 17.48
CA PHE B 436 -7.50 -7.20 16.43
C PHE B 436 -6.24 -6.79 15.69
N GLY B 437 -6.04 -5.49 15.49
CA GLY B 437 -4.80 -5.02 14.89
C GLY B 437 -3.56 -5.29 15.73
N ASP B 438 -3.68 -5.11 17.05
CA ASP B 438 -2.55 -5.42 17.94
C ASP B 438 -2.31 -6.93 18.05
N ARG B 439 -3.38 -7.72 18.09
CA ARG B 439 -3.24 -9.17 18.18
C ARG B 439 -2.75 -9.76 16.85
N LEU B 440 -3.02 -9.06 15.75
CA LEU B 440 -2.43 -9.44 14.47
C LEU B 440 -0.97 -8.99 14.40
N MET B 441 -0.63 -7.92 15.10
CA MET B 441 0.77 -7.48 15.17
C MET B 441 1.62 -8.44 15.99
N THR B 442 1.00 -9.17 16.94
CA THR B 442 1.72 -10.18 17.71
C THR B 442 1.73 -11.56 17.03
N CYS B 443 1.69 -11.62 15.69
CA CYS B 443 1.63 -12.89 15.00
C CYS B 443 3.01 -13.51 14.84
N ARG B 444 3.03 -14.79 14.47
CA ARG B 444 4.28 -15.51 14.26
C ARG B 444 4.86 -15.21 12.88
N ASN B 445 4.03 -15.29 11.84
CA ASN B 445 4.43 -15.01 10.47
C ASN B 445 4.60 -13.51 10.32
N ARG B 446 5.69 -13.07 9.68
CA ARG B 446 5.95 -11.64 9.58
C ARG B 446 5.79 -11.14 8.14
N VAL B 447 6.12 -11.98 7.15
CA VAL B 447 5.97 -11.58 5.76
C VAL B 447 4.51 -11.62 5.34
N LEU B 448 3.69 -12.38 6.07
CA LEU B 448 2.25 -12.32 5.89
C LEU B 448 1.64 -11.24 6.77
N LEU B 449 2.38 -10.82 7.81
CA LEU B 449 1.93 -9.73 8.68
C LEU B 449 2.00 -8.41 7.95
N TYR B 450 3.12 -8.13 7.26
CA TYR B 450 3.30 -6.80 6.67
C TYR B 450 2.37 -6.57 5.47
N GLU B 451 2.02 -7.64 4.77
CA GLU B 451 1.14 -7.49 3.61
C GLU B 451 -0.30 -7.20 4.02
N VAL B 452 -0.66 -7.48 5.26
CA VAL B 452 -2.03 -7.29 5.74
C VAL B 452 -2.15 -6.14 6.74
N TYR B 453 -1.04 -5.61 7.26
CA TYR B 453 -1.13 -4.69 8.38
C TYR B 453 -1.55 -3.28 7.94
N ASN B 454 -1.18 -2.90 6.72
CA ASN B 454 -1.44 -1.54 6.25
C ASN B 454 -2.93 -1.32 6.02
N TYR B 455 -3.63 -2.36 5.55
CA TYR B 455 -5.07 -2.27 5.33
C TYR B 455 -5.84 -2.14 6.64
N VAL B 456 -5.44 -2.93 7.65
CA VAL B 456 -6.09 -2.89 8.95
C VAL B 456 -5.79 -1.58 9.66
N ALA B 457 -4.56 -1.07 9.52
CA ALA B 457 -4.18 0.18 10.16
C ALA B 457 -4.90 1.38 9.54
N ASP B 458 -5.01 1.40 8.20
CA ASP B 458 -5.73 2.49 7.55
C ASP B 458 -7.23 2.40 7.77
N LEU B 459 -7.76 1.18 7.91
CA LEU B 459 -9.17 1.01 8.25
C LEU B 459 -9.47 1.49 9.66
N CYS B 460 -8.57 1.20 10.62
CA CYS B 460 -8.74 1.70 11.99
C CYS B 460 -8.62 3.22 12.06
N GLY B 461 -7.71 3.80 11.25
CA GLY B 461 -7.59 5.25 11.19
C GLY B 461 -8.81 5.94 10.60
N ILE B 462 -9.36 5.39 9.51
CA ILE B 462 -10.53 6.01 8.90
C ILE B 462 -11.79 5.74 9.73
N LEU B 463 -11.82 4.65 10.51
CA LEU B 463 -12.97 4.40 11.38
C LEU B 463 -12.94 5.32 12.60
N TYR B 464 -11.73 5.61 13.11
CA TYR B 464 -11.61 6.60 14.19
C TYR B 464 -11.93 8.00 13.70
N HIS B 465 -11.58 8.32 12.44
CA HIS B 465 -11.97 9.61 11.87
C HIS B 465 -13.48 9.71 11.68
N LEU B 466 -14.12 8.59 11.30
CA LEU B 466 -15.58 8.54 11.20
C LEU B 466 -16.25 8.77 12.55
N ILE B 467 -15.73 8.11 13.59
CA ILE B 467 -16.30 8.24 14.92
C ILE B 467 -16.07 9.63 15.50
N SER B 468 -14.90 10.23 15.20
CA SER B 468 -14.64 11.61 15.61
C SER B 468 -15.53 12.62 14.88
N ARG B 469 -15.84 12.35 13.61
CA ARG B 469 -16.75 13.24 12.87
C ARG B 469 -18.19 13.13 13.39
N ILE B 470 -18.62 11.92 13.73
CA ILE B 470 -19.97 11.74 14.28
C ILE B 470 -20.07 12.35 15.67
N HIS B 471 -19.00 12.24 16.48
CA HIS B 471 -19.00 12.86 17.80
C HIS B 471 -18.90 14.38 17.73
N SER B 472 -18.23 14.91 16.70
CA SER B 472 -18.23 16.36 16.50
C SER B 472 -19.58 16.85 16.03
N LEU B 473 -20.31 16.02 15.27
CA LEU B 473 -21.68 16.38 14.90
C LEU B 473 -22.69 16.13 16.01
N ALA B 474 -22.29 15.41 17.07
CA ALA B 474 -23.19 15.17 18.19
C ALA B 474 -23.43 16.43 19.01
N ASN B 475 -22.39 16.92 19.65
CA ASN B 475 -22.51 18.09 20.50
C ASN B 475 -22.09 19.34 19.74
N PRO B 476 -22.71 20.50 20.04
CA PRO B 476 -22.29 21.75 19.41
C PRO B 476 -20.95 22.25 19.92
N SER B 489 -11.03 21.94 7.94
CA SER B 489 -11.52 20.98 6.96
C SER B 489 -11.17 19.56 7.37
N PHE B 490 -11.19 18.64 6.40
CA PHE B 490 -10.88 17.24 6.64
C PHE B 490 -9.91 16.77 5.57
N ARG B 491 -8.68 16.47 5.99
CA ARG B 491 -7.62 16.04 5.09
C ARG B 491 -7.31 14.58 5.40
N TYR B 492 -7.48 13.72 4.40
CA TYR B 492 -7.14 12.31 4.52
C TYR B 492 -6.80 11.80 3.14
N GLY B 493 -5.81 10.92 3.07
CA GLY B 493 -5.41 10.33 1.81
C GLY B 493 -4.46 11.14 0.97
N GLY B 494 -4.22 12.40 1.33
CA GLY B 494 -3.33 13.23 0.53
C GLY B 494 -4.03 13.71 -0.72
N PHE B 495 -3.30 13.65 -1.85
CA PHE B 495 -3.86 14.10 -3.12
C PHE B 495 -4.91 13.14 -3.65
N VAL B 496 -4.75 11.84 -3.39
CA VAL B 496 -5.73 10.84 -3.82
C VAL B 496 -7.05 11.03 -3.08
N GLY B 497 -6.98 11.25 -1.76
CA GLY B 497 -8.17 11.56 -1.01
C GLY B 497 -8.75 12.92 -1.33
N ASP B 498 -7.91 13.87 -1.74
CA ASP B 498 -8.41 15.18 -2.17
C ASP B 498 -9.21 15.07 -3.47
N ILE B 499 -8.72 14.25 -4.41
CA ILE B 499 -9.45 14.00 -5.66
C ILE B 499 -10.75 13.23 -5.38
N HIS B 500 -10.70 12.28 -4.44
CA HIS B 500 -11.87 11.49 -4.05
C HIS B 500 -12.96 12.35 -3.42
N ARG B 501 -12.57 13.25 -2.50
CA ARG B 501 -13.52 14.18 -1.91
C ARG B 501 -13.97 15.23 -2.90
N LEU B 502 -13.15 15.55 -3.91
CA LEU B 502 -13.56 16.51 -4.91
C LEU B 502 -14.53 15.93 -5.93
N ILE B 503 -14.57 14.60 -6.08
CA ILE B 503 -15.53 14.00 -6.99
C ILE B 503 -16.72 13.39 -6.30
N VAL B 504 -16.78 13.43 -4.97
CA VAL B 504 -18.00 13.06 -4.26
C VAL B 504 -18.81 14.30 -3.87
N SER B 505 -18.15 15.34 -3.39
CA SER B 505 -18.84 16.54 -2.96
C SER B 505 -19.36 17.33 -4.16
N THR B 506 -20.62 17.75 -4.08
CA THR B 506 -21.31 18.44 -5.16
C THR B 506 -21.47 19.92 -4.83
N ASP B 507 -22.03 20.65 -5.80
CA ASP B 507 -22.25 22.08 -5.65
C ASP B 507 -23.55 22.37 -4.89
#